data_8ODQ
#
_entry.id   8ODQ
#
_cell.length_a   62.250
_cell.length_b   75.553
_cell.length_c   75.602
_cell.angle_alpha   92.40
_cell.angle_beta   109.57
_cell.angle_gamma   99.71
#
_symmetry.space_group_name_H-M   'P 1'
#
loop_
_entity.id
_entity.type
_entity.pdbx_description
1 polymer 'Cysteine desulfurase'
2 polymer 'Cysteine desulfurase'
3 polymer 'Nitrogen fixation protein'
4 non-polymer 'NITRATE ION'
5 non-polymer "PYRIDOXAL-5'-PHOSPHATE"
6 non-polymer '3[N-MORPHOLINO]PROPANE SULFONIC ACID'
7 non-polymer 'ZINC ION'
8 water water
#
loop_
_entity_poly.entity_id
_entity_poly.type
_entity_poly.pdbx_seq_one_letter_code
_entity_poly.pdbx_strand_id
1 'polypeptide(L)'
;GMTASVNSLDLAAIRADFPILKRIMRGGNPLAYLDSGATSQRPLQVLDAEREFLTASNGAVHRGAHQLMEEATDAYEQGR
ADIALFVGADTDELVFTKNATEALNLVSYVLGDSRFERAVGPGDVIVTTELEHHANLIPWQELARRTGATLRWYGVTDDG
RIDLDSLYLDDRVKVVAFTHHSNVTGVLTPVSELVSRAHQSGALTVLDACQSVPHQPVDLHELGVDFAAFSGHKMLGPNG
IGVLYGRRELLAQMPPFLTGGSMIETVTMEGATYAPAPQRFEAGTPMTSQVVGLAAAARYLGAIGMAAVEAHERELVAAA
IEGLSGIDGVRILGPTSMRDRGSPVAFVVEGVHAHDVGQVLDDGGVAVRVGHH(TSY)ALPLHRRFGLAATARASFAVYN
TADEVDRLVAGVRRSRHFFGRA
;
B
2 'polypeptide(L)'
;GMTASVNSLDLAAIRADFPILKRIMRGGNPLAYLDSGATSQRPLQVLDAEREFLTASNGAVHRGAHQLMEEATDAYEQGR
ADIALFVGADTDELVFTKNATEALNLVSYVLGDSRFERAVGPGDVIVTTELEHHANLIPWQELARRTGATLRWYGVTDDG
RIDLDSLYLDDRVKVVAFTHHSNVTGVLTPVSELVSRAHQSGALTVLDACQSVPHQPVDLHELGVDFAAFSGHKMLGPNG
IGVLYGRRELLAQMPPFLTGGSMIETVTMEGATYAPAPQRFEAGTPMTSQVVGLAAAARYLGAIGMAAVEAHERELVAAA
IEGLSGIDGVRILGPTSMRDRGSPVAFVVEGVHAHDVGQVLDDGGVAVRVGHHCALPLHRRFGLAATARASFAVYNTADE
VDRLVAGVRRSRHFFGRA
;
D
3 'polypeptide(L)'
;GSHMVTLRLEQIYQDVILDHYKHPQHRGLREPFGAQVYHVNPI(TSY)GDEVTLRVALSEDGTRVTDVSYDGQGCSISQA
ATSVLTEQVIGQRVPRALNIVDAFTEMVSSRGTVPGDEDVLGDGVAFAGVAKYPARVKCALLGWMAFKDALAQASEAFEE
VTDERNQRTG
;
A,C
#
loop_
_chem_comp.id
_chem_comp.type
_chem_comp.name
_chem_comp.formula
MPO non-polymer '3[N-MORPHOLINO]PROPANE SULFONIC ACID' 'C7 H15 N O4 S'
NO3 non-polymer 'NITRATE ION' 'N O3 -1'
PLP non-polymer PYRIDOXAL-5'-PHOSPHATE 'C8 H10 N O6 P'
ZN non-polymer 'ZINC ION' 'Zn 2'
#
# COMPACT_ATOMS: atom_id res chain seq x y z
N LEU A 9 32.22 11.20 7.55
CA LEU A 9 30.92 11.11 8.30
C LEU A 9 31.19 10.80 9.78
N ASP A 10 30.44 11.42 10.70
CA ASP A 10 30.47 11.10 12.15
C ASP A 10 29.56 9.91 12.44
N LEU A 11 30.15 8.73 12.56
CA LEU A 11 29.37 7.50 12.73
C LEU A 11 28.65 7.52 14.10
N ALA A 12 29.30 8.00 15.16
CA ALA A 12 28.67 8.03 16.49
C ALA A 12 27.47 8.98 16.42
N ALA A 13 27.59 10.10 15.70
CA ALA A 13 26.50 11.09 15.60
C ALA A 13 25.33 10.41 14.87
N ILE A 14 25.66 9.71 13.79
CA ILE A 14 24.63 9.09 12.91
C ILE A 14 23.88 8.08 13.79
N ARG A 15 24.60 7.22 14.51
CA ARG A 15 23.97 6.17 15.35
C ARG A 15 23.09 6.77 16.45
N ALA A 16 23.45 7.95 16.97
CA ALA A 16 22.67 8.65 18.02
C ALA A 16 21.30 9.06 17.46
N ASP A 17 21.12 9.05 16.15
CA ASP A 17 19.82 9.43 15.53
C ASP A 17 18.81 8.28 15.58
N PHE A 18 19.20 7.05 15.93
CA PHE A 18 18.36 5.83 15.76
C PHE A 18 18.04 5.24 17.11
N PRO A 19 16.85 5.52 17.71
CA PRO A 19 16.54 5.04 19.06
C PRO A 19 16.73 3.52 19.22
N ILE A 20 16.42 2.74 18.21
CA ILE A 20 16.37 1.27 18.39
C ILE A 20 17.81 0.76 18.61
N LEU A 21 18.83 1.48 18.17
CA LEU A 21 20.21 0.92 18.19
C LEU A 21 20.72 0.87 19.63
N LYS A 22 20.03 1.50 20.58
CA LYS A 22 20.41 1.44 22.02
C LYS A 22 19.86 0.17 22.65
N ARG A 23 19.02 -0.59 21.96
CA ARG A 23 18.33 -1.72 22.61
C ARG A 23 19.30 -2.82 23.05
N ILE A 24 19.08 -3.33 24.26
CA ILE A 24 19.79 -4.53 24.80
C ILE A 24 18.91 -5.76 24.49
N MET A 25 19.48 -6.75 23.80
CA MET A 25 18.72 -7.91 23.30
C MET A 25 18.60 -8.96 24.43
N ARG A 26 17.84 -10.03 24.20
CA ARG A 26 17.49 -11.01 25.27
C ARG A 26 18.75 -11.74 25.78
N GLY A 27 19.81 -11.85 24.98
CA GLY A 27 21.08 -12.49 25.38
C GLY A 27 21.93 -11.56 26.22
N GLY A 28 21.50 -10.31 26.45
CA GLY A 28 22.23 -9.33 27.28
C GLY A 28 23.20 -8.45 26.51
N ASN A 29 23.36 -8.59 25.19
CA ASN A 29 24.28 -7.71 24.40
C ASN A 29 23.50 -6.60 23.71
N PRO A 30 24.10 -5.43 23.46
CA PRO A 30 23.47 -4.41 22.65
C PRO A 30 23.24 -4.97 21.24
N LEU A 31 22.10 -4.60 20.66
CA LEU A 31 21.74 -4.98 19.26
C LEU A 31 22.94 -4.73 18.34
N ALA A 32 23.27 -5.69 17.48
CA ALA A 32 24.08 -5.46 16.27
C ALA A 32 23.16 -5.79 15.09
N TYR A 33 22.48 -4.79 14.53
CA TYR A 33 21.43 -5.01 13.51
C TYR A 33 22.07 -5.14 12.12
N LEU A 34 22.23 -6.36 11.63
CA LEU A 34 22.87 -6.67 10.33
CA LEU A 34 22.87 -6.63 10.31
C LEU A 34 21.82 -7.22 9.36
N ASP A 35 20.58 -6.70 9.42
CA ASP A 35 19.45 -7.15 8.58
C ASP A 35 18.76 -5.94 7.93
N SER A 36 19.49 -4.84 7.69
CA SER A 36 18.91 -3.67 6.95
C SER A 36 18.52 -4.06 5.52
N GLY A 37 19.08 -5.13 4.98
CA GLY A 37 18.70 -5.65 3.66
C GLY A 37 17.25 -6.10 3.64
N ALA A 38 16.70 -6.55 4.78
CA ALA A 38 15.26 -6.91 4.85
C ALA A 38 14.42 -5.67 5.15
N THR A 39 14.82 -4.88 6.16
CA THR A 39 14.15 -3.62 6.48
C THR A 39 15.12 -2.78 7.30
N SER A 40 15.13 -1.48 7.06
CA SER A 40 16.12 -0.59 7.73
C SER A 40 15.48 0.05 8.96
N GLN A 41 16.29 0.66 9.80
CA GLN A 41 15.86 1.30 11.05
C GLN A 41 15.62 2.79 10.77
N ARG A 42 14.89 3.45 11.66
CA ARG A 42 14.40 4.83 11.42
CA ARG A 42 14.38 4.83 11.44
C ARG A 42 15.14 5.79 12.33
N PRO A 43 15.65 6.90 11.78
CA PRO A 43 16.25 7.94 12.57
C PRO A 43 15.12 8.88 13.03
N LEU A 44 15.40 9.66 14.07
CA LEU A 44 14.40 10.59 14.63
C LEU A 44 13.86 11.56 13.58
N GLN A 45 14.67 12.01 12.62
CA GLN A 45 14.24 13.02 11.61
C GLN A 45 13.05 12.43 10.83
N VAL A 46 13.06 11.13 10.59
CA VAL A 46 11.99 10.44 9.82
C VAL A 46 10.77 10.24 10.72
N LEU A 47 10.95 9.72 11.94
CA LEU A 47 9.85 9.52 12.92
C LEU A 47 9.19 10.87 13.17
N ASP A 48 9.99 11.93 13.37
CA ASP A 48 9.43 13.25 13.78
C ASP A 48 8.82 13.95 12.59
N ALA A 49 9.39 13.83 11.38
CA ALA A 49 8.77 14.47 10.19
C ALA A 49 7.33 13.95 10.05
N GLU A 50 7.15 12.64 10.23
CA GLU A 50 5.83 12.00 10.04
C GLU A 50 4.87 12.45 11.14
N ARG A 51 5.31 12.42 12.39
CA ARG A 51 4.44 12.73 13.56
C ARG A 51 4.11 14.22 13.52
N GLU A 52 5.08 15.09 13.20
CA GLU A 52 4.80 16.55 13.11
C GLU A 52 3.71 16.80 12.06
N PHE A 53 3.84 16.16 10.90
CA PHE A 53 2.80 16.27 9.86
C PHE A 53 1.43 15.81 10.39
N LEU A 54 1.39 14.68 11.06
CA LEU A 54 0.09 14.09 11.45
C LEU A 54 -0.59 14.94 12.55
N THR A 55 0.19 15.64 13.38
CA THR A 55 -0.38 16.37 14.53
C THR A 55 -0.67 17.82 14.18
N ALA A 56 -0.39 18.23 12.95
CA ALA A 56 -0.54 19.64 12.52
C ALA A 56 -1.30 19.77 11.21
N SER A 57 -0.99 18.97 10.16
CA SER A 57 -1.36 19.28 8.77
C SER A 57 -2.11 18.14 8.08
N ASN A 58 -2.63 17.18 8.84
CA ASN A 58 -3.31 15.97 8.32
C ASN A 58 -4.67 16.35 7.72
N GLY A 59 -4.76 16.29 6.41
CA GLY A 59 -6.03 16.53 5.68
C GLY A 59 -5.98 15.72 4.42
N ALA A 60 -7.07 15.71 3.66
CA ALA A 60 -7.08 14.95 2.39
C ALA A 60 -6.19 15.68 1.39
N VAL A 61 -5.56 14.93 0.48
CA VAL A 61 -4.72 15.52 -0.61
C VAL A 61 -5.61 15.66 -1.85
N HIS A 62 -5.46 16.76 -2.59
CA HIS A 62 -6.09 17.01 -3.91
C HIS A 62 -7.62 16.86 -3.86
N ARG A 63 -8.22 16.86 -2.67
CA ARG A 63 -9.68 16.58 -2.49
C ARG A 63 -10.26 17.69 -1.61
N GLY A 64 -11.18 18.49 -2.13
CA GLY A 64 -11.67 19.67 -1.40
C GLY A 64 -10.65 20.76 -1.52
N ALA A 65 -10.68 21.73 -0.59
CA ALA A 65 -10.02 23.03 -0.81
C ALA A 65 -9.82 23.83 0.49
N HIS A 66 -9.92 23.19 1.65
CA HIS A 66 -9.69 23.84 2.96
C HIS A 66 -8.19 23.88 3.30
N GLN A 67 -7.85 24.58 4.38
CA GLN A 67 -6.45 24.84 4.77
C GLN A 67 -5.65 23.53 4.95
N LEU A 68 -6.20 22.54 5.68
CA LEU A 68 -5.46 21.28 5.95
C LEU A 68 -5.31 20.54 4.63
N MET A 69 -6.29 20.54 3.75
CA MET A 69 -6.11 19.91 2.42
C MET A 69 -4.94 20.60 1.70
N GLU A 70 -4.81 21.93 1.75
CA GLU A 70 -3.70 22.65 1.06
C GLU A 70 -2.36 22.22 1.64
N GLU A 71 -2.27 22.13 2.97
CA GLU A 71 -0.99 21.77 3.62
C GLU A 71 -0.64 20.31 3.31
N ALA A 72 -1.62 19.43 3.32
CA ALA A 72 -1.38 17.98 3.13
C ALA A 72 -0.94 17.77 1.67
N THR A 73 -1.57 18.54 0.77
CA THR A 73 -1.30 18.44 -0.69
C THR A 73 0.11 18.96 -0.95
N ASP A 74 0.45 20.10 -0.36
CA ASP A 74 1.82 20.67 -0.45
C ASP A 74 2.84 19.63 0.04
N ALA A 75 2.61 19.00 1.19
CA ALA A 75 3.56 18.01 1.77
C ALA A 75 3.70 16.79 0.86
N TYR A 76 2.59 16.31 0.29
CA TYR A 76 2.55 15.16 -0.63
C TYR A 76 3.40 15.47 -1.85
N GLU A 77 3.15 16.59 -2.49
CA GLU A 77 3.80 16.89 -3.80
C GLU A 77 5.24 17.38 -3.54
N GLN A 78 5.55 18.05 -2.42
CA GLN A 78 6.95 18.46 -2.13
C GLN A 78 7.75 17.18 -1.82
N GLY A 79 7.12 16.22 -1.16
CA GLY A 79 7.77 14.94 -0.85
C GLY A 79 8.10 14.22 -2.14
N ARG A 80 7.17 14.20 -3.09
CA ARG A 80 7.44 13.58 -4.41
C ARG A 80 8.65 14.28 -5.07
N ALA A 81 8.68 15.62 -5.04
CA ALA A 81 9.81 16.42 -5.60
C ALA A 81 11.13 16.08 -4.90
N ASP A 82 11.15 15.97 -3.56
CA ASP A 82 12.37 15.71 -2.78
C ASP A 82 12.93 14.34 -3.18
N ILE A 83 12.05 13.34 -3.27
CA ILE A 83 12.46 11.94 -3.55
C ILE A 83 12.97 11.88 -5.01
N ALA A 84 12.28 12.50 -5.95
CA ALA A 84 12.70 12.54 -7.37
C ALA A 84 14.09 13.15 -7.49
N LEU A 85 14.35 14.23 -6.74
CA LEU A 85 15.68 14.89 -6.79
C LEU A 85 16.74 13.87 -6.34
N PHE A 86 16.43 13.17 -5.25
CA PHE A 86 17.34 12.20 -4.61
C PHE A 86 17.75 11.11 -5.62
N VAL A 87 16.81 10.61 -6.43
CA VAL A 87 17.06 9.49 -7.39
C VAL A 87 17.26 9.94 -8.85
N GLY A 88 17.47 11.24 -9.12
CA GLY A 88 17.66 11.78 -10.48
C GLY A 88 16.50 11.50 -11.44
N ALA A 89 15.28 11.63 -10.95
CA ALA A 89 14.04 11.60 -11.75
C ALA A 89 13.45 12.99 -11.75
N ASP A 90 12.56 13.24 -12.69
CA ASP A 90 11.63 14.41 -12.61
C ASP A 90 10.47 14.04 -11.68
N THR A 91 9.91 15.04 -11.02
CA THR A 91 8.83 14.85 -10.03
C THR A 91 7.68 13.98 -10.60
N ASP A 92 7.27 14.24 -11.84
CA ASP A 92 6.09 13.63 -12.51
C ASP A 92 6.40 12.17 -12.93
N GLU A 93 7.63 11.71 -12.79
CA GLU A 93 8.03 10.31 -13.16
C GLU A 93 7.98 9.33 -11.96
N LEU A 94 7.57 9.79 -10.79
CA LEU A 94 7.46 8.89 -9.61
C LEU A 94 6.01 8.65 -9.30
N VAL A 95 5.70 7.37 -9.14
CA VAL A 95 4.40 6.80 -8.70
C VAL A 95 4.57 6.12 -7.34
N PHE A 96 3.73 6.46 -6.38
CA PHE A 96 3.77 5.84 -5.03
C PHE A 96 2.87 4.61 -5.00
N THR A 97 3.44 3.52 -4.48
CA THR A 97 2.81 2.17 -4.28
C THR A 97 2.96 1.77 -2.81
N LYS A 98 2.45 0.64 -2.40
CA LYS A 98 2.57 0.25 -0.96
C LYS A 98 3.99 -0.26 -0.73
N ASN A 99 4.64 -0.80 -1.78
CA ASN A 99 6.01 -1.36 -1.69
C ASN A 99 6.60 -1.50 -3.10
N ALA A 100 7.91 -1.75 -3.15
CA ALA A 100 8.64 -2.02 -4.41
C ALA A 100 7.92 -3.14 -5.17
N THR A 101 7.50 -4.18 -4.47
CA THR A 101 6.84 -5.34 -5.11
C THR A 101 5.68 -4.82 -5.94
N GLU A 102 4.83 -4.02 -5.35
CA GLU A 102 3.66 -3.48 -6.08
C GLU A 102 4.08 -2.68 -7.34
N ALA A 103 5.15 -1.89 -7.24
CA ALA A 103 5.68 -1.12 -8.39
C ALA A 103 6.02 -2.07 -9.56
N LEU A 104 6.70 -3.21 -9.32
CA LEU A 104 7.08 -4.18 -10.36
C LEU A 104 5.78 -4.82 -10.86
N ASN A 105 4.84 -5.13 -9.95
CA ASN A 105 3.52 -5.69 -10.39
C ASN A 105 2.84 -4.70 -11.32
N LEU A 106 2.78 -3.42 -10.98
CA LEU A 106 2.10 -2.41 -11.86
C LEU A 106 2.66 -2.55 -13.30
N VAL A 107 3.96 -2.52 -13.45
CA VAL A 107 4.57 -2.61 -14.81
C VAL A 107 4.18 -3.94 -15.45
N SER A 108 4.21 -5.04 -14.69
CA SER A 108 3.92 -6.40 -15.20
C SER A 108 2.46 -6.49 -15.68
N TYR A 109 1.55 -5.73 -15.06
CA TYR A 109 0.12 -5.73 -15.49
C TYR A 109 -0.06 -4.81 -16.72
N VAL A 110 0.50 -3.61 -16.69
CA VAL A 110 0.34 -2.68 -17.84
C VAL A 110 0.95 -3.32 -19.09
N LEU A 111 1.99 -4.15 -18.96
CA LEU A 111 2.64 -4.79 -20.14
C LEU A 111 1.79 -5.91 -20.73
N GLY A 112 0.68 -6.26 -20.08
CA GLY A 112 -0.30 -7.24 -20.60
C GLY A 112 -1.62 -6.59 -21.03
N ASP A 113 -1.67 -5.27 -21.03
CA ASP A 113 -2.95 -4.52 -21.21
C ASP A 113 -3.10 -4.21 -22.70
N SER A 114 -4.21 -4.63 -23.30
CA SER A 114 -4.55 -4.41 -24.73
C SER A 114 -4.40 -2.94 -25.10
N ARG A 115 -4.55 -2.00 -24.16
CA ARG A 115 -4.59 -0.56 -24.50
C ARG A 115 -3.17 0.01 -24.55
N PHE A 116 -2.18 -0.73 -24.10
CA PHE A 116 -0.76 -0.32 -24.20
C PHE A 116 -0.15 -0.84 -25.51
N GLU A 117 0.37 0.06 -26.35
CA GLU A 117 1.05 -0.29 -27.63
C GLU A 117 2.26 -1.22 -27.38
N ARG A 118 2.98 -1.10 -26.26
CA ARG A 118 4.19 -1.95 -26.02
C ARG A 118 3.84 -3.21 -25.22
N ALA A 119 2.55 -3.58 -25.11
CA ALA A 119 2.14 -4.80 -24.38
C ALA A 119 2.71 -6.05 -25.10
N VAL A 120 2.94 -7.11 -24.34
CA VAL A 120 3.48 -8.38 -24.89
C VAL A 120 2.32 -9.34 -25.18
N GLY A 121 2.57 -10.25 -26.12
CA GLY A 121 1.60 -11.30 -26.49
C GLY A 121 2.32 -12.56 -26.96
N PRO A 122 1.59 -13.53 -27.49
CA PRO A 122 2.21 -14.76 -27.97
C PRO A 122 3.35 -14.43 -28.95
N GLY A 123 4.44 -15.20 -28.87
CA GLY A 123 5.62 -15.00 -29.73
C GLY A 123 6.60 -14.00 -29.12
N ASP A 124 6.15 -13.19 -28.15
CA ASP A 124 7.02 -12.16 -27.51
C ASP A 124 7.81 -12.86 -26.42
N VAL A 125 8.95 -12.26 -26.06
CA VAL A 125 9.79 -12.83 -24.99
C VAL A 125 9.99 -11.77 -23.91
N ILE A 126 9.83 -12.22 -22.69
CA ILE A 126 10.16 -11.47 -21.45
C ILE A 126 11.46 -12.06 -20.93
N VAL A 127 12.42 -11.22 -20.59
CA VAL A 127 13.69 -11.68 -19.98
C VAL A 127 13.78 -11.15 -18.55
N THR A 128 14.11 -12.03 -17.60
CA THR A 128 14.48 -11.68 -16.23
C THR A 128 15.87 -12.29 -15.97
N THR A 129 16.24 -12.49 -14.70
CA THR A 129 17.52 -13.14 -14.34
C THR A 129 17.30 -14.12 -13.22
N GLU A 130 18.16 -15.13 -13.19
CA GLU A 130 18.19 -16.16 -12.14
C GLU A 130 18.74 -15.59 -10.82
N LEU A 131 19.23 -14.35 -10.83
CA LEU A 131 19.78 -13.66 -9.63
C LEU A 131 18.64 -12.98 -8.88
N GLU A 132 17.47 -12.82 -9.52
CA GLU A 132 16.47 -11.84 -9.04
C GLU A 132 15.87 -12.26 -7.71
N HIS A 133 15.52 -11.25 -6.89
CA HIS A 133 14.51 -11.37 -5.83
C HIS A 133 13.20 -11.79 -6.51
N HIS A 134 12.42 -12.62 -5.83
CA HIS A 134 11.07 -13.12 -6.27
C HIS A 134 10.17 -11.98 -6.77
N ALA A 135 10.29 -10.76 -6.21
CA ALA A 135 9.47 -9.60 -6.64
C ALA A 135 9.76 -9.29 -8.10
N ASN A 136 10.96 -9.61 -8.62
CA ASN A 136 11.31 -9.28 -10.02
C ASN A 136 11.32 -10.58 -10.83
N LEU A 137 10.54 -11.58 -10.38
CA LEU A 137 10.46 -12.89 -11.06
C LEU A 137 9.00 -13.29 -11.21
N ILE A 138 8.28 -13.43 -10.09
CA ILE A 138 6.90 -14.00 -10.15
C ILE A 138 6.02 -13.10 -11.03
N PRO A 139 6.03 -11.74 -10.97
CA PRO A 139 5.19 -10.95 -11.87
C PRO A 139 5.40 -11.21 -13.37
N TRP A 140 6.62 -11.58 -13.77
CA TRP A 140 6.97 -11.93 -15.17
C TRP A 140 6.42 -13.31 -15.51
N GLN A 141 6.52 -14.28 -14.60
CA GLN A 141 5.82 -15.58 -14.76
C GLN A 141 4.33 -15.34 -14.99
N GLU A 142 3.71 -14.42 -14.23
CA GLU A 142 2.25 -14.24 -14.30
C GLU A 142 1.93 -13.53 -15.59
N LEU A 143 2.75 -12.58 -16.00
CA LEU A 143 2.50 -11.84 -17.26
C LEU A 143 2.57 -12.83 -18.44
N ALA A 144 3.56 -13.74 -18.41
CA ALA A 144 3.69 -14.80 -19.43
C ALA A 144 2.39 -15.64 -19.42
N ARG A 145 1.91 -16.00 -18.23
CA ARG A 145 0.73 -16.90 -18.09
C ARG A 145 -0.46 -16.19 -18.75
N ARG A 146 -0.66 -14.90 -18.46
CA ARG A 146 -1.88 -14.17 -18.90
C ARG A 146 -1.84 -13.92 -20.41
N THR A 147 -0.68 -13.61 -20.98
CA THR A 147 -0.56 -13.12 -22.37
C THR A 147 -0.13 -14.23 -23.34
N GLY A 148 0.47 -15.34 -22.88
CA GLY A 148 1.09 -16.35 -23.75
C GLY A 148 2.48 -16.01 -24.23
N ALA A 149 3.06 -14.88 -23.81
CA ALA A 149 4.51 -14.58 -23.96
C ALA A 149 5.37 -15.66 -23.29
N THR A 150 6.63 -15.71 -23.71
CA THR A 150 7.64 -16.70 -23.29
C THR A 150 8.52 -16.04 -22.24
N LEU A 151 8.80 -16.71 -21.14
CA LEU A 151 9.81 -16.21 -20.17
C LEU A 151 11.19 -16.84 -20.46
N ARG A 152 12.21 -15.99 -20.49
CA ARG A 152 13.62 -16.44 -20.50
C ARG A 152 14.38 -15.68 -19.43
N TRP A 153 15.60 -16.13 -19.12
CA TRP A 153 16.40 -15.47 -18.06
C TRP A 153 17.90 -15.52 -18.37
N TYR A 154 18.60 -14.45 -18.03
CA TYR A 154 20.05 -14.53 -17.83
C TYR A 154 20.32 -15.50 -16.71
N GLY A 155 21.39 -16.28 -16.85
CA GLY A 155 21.90 -17.11 -15.76
C GLY A 155 22.84 -16.33 -14.85
N VAL A 156 23.48 -17.04 -13.92
CA VAL A 156 24.36 -16.44 -12.88
C VAL A 156 25.73 -17.03 -13.08
N THR A 157 26.77 -16.19 -13.07
CA THR A 157 28.18 -16.63 -13.12
C THR A 157 28.56 -17.30 -11.80
N ASP A 158 29.71 -17.96 -11.77
CA ASP A 158 30.17 -18.69 -10.56
C ASP A 158 30.40 -17.69 -9.44
N ASP A 159 30.69 -16.43 -9.77
CA ASP A 159 30.96 -15.39 -8.74
C ASP A 159 29.67 -14.61 -8.43
N GLY A 160 28.48 -15.11 -8.83
CA GLY A 160 27.18 -14.53 -8.44
C GLY A 160 26.80 -13.26 -9.18
N ARG A 161 27.32 -13.11 -10.41
CA ARG A 161 27.04 -11.95 -11.29
C ARG A 161 26.05 -12.39 -12.37
N ILE A 162 25.34 -11.42 -12.95
CA ILE A 162 24.52 -11.69 -14.17
C ILE A 162 25.48 -12.19 -15.25
N ASP A 163 25.16 -13.34 -15.84
CA ASP A 163 25.95 -13.98 -16.92
C ASP A 163 25.52 -13.37 -18.26
N LEU A 164 26.24 -12.34 -18.70
CA LEU A 164 25.90 -11.64 -19.96
C LEU A 164 26.09 -12.58 -21.15
N ASP A 165 26.86 -13.67 -21.01
CA ASP A 165 27.13 -14.58 -22.16
C ASP A 165 26.04 -15.66 -22.26
N SER A 166 24.99 -15.61 -21.41
CA SER A 166 23.99 -16.72 -21.33
C SER A 166 22.75 -16.47 -22.20
N LEU A 167 22.57 -15.28 -22.78
CA LEU A 167 21.46 -15.03 -23.74
C LEU A 167 22.06 -14.21 -24.86
N TYR A 168 21.38 -14.23 -26.00
CA TYR A 168 21.86 -13.63 -27.28
C TYR A 168 20.73 -12.79 -27.83
N LEU A 169 21.08 -11.94 -28.78
CA LEU A 169 20.16 -10.95 -29.42
C LEU A 169 19.03 -11.72 -30.09
N ASP A 170 17.80 -11.32 -29.75
CA ASP A 170 16.59 -11.98 -30.24
C ASP A 170 15.55 -10.89 -30.43
N ASP A 171 15.08 -10.69 -31.66
CA ASP A 171 14.09 -9.62 -31.97
C ASP A 171 12.80 -9.80 -31.16
N ARG A 172 12.53 -11.00 -30.64
CA ARG A 172 11.27 -11.30 -29.92
C ARG A 172 11.31 -10.73 -28.48
N VAL A 173 12.48 -10.32 -28.00
CA VAL A 173 12.59 -9.83 -26.59
C VAL A 173 11.97 -8.41 -26.52
N LYS A 174 10.98 -8.26 -25.65
CA LYS A 174 10.17 -7.00 -25.54
C LYS A 174 10.26 -6.39 -24.14
N VAL A 175 10.71 -7.18 -23.16
CA VAL A 175 10.87 -6.73 -21.75
C VAL A 175 12.15 -7.35 -21.20
N VAL A 176 13.01 -6.55 -20.54
CA VAL A 176 14.20 -7.05 -19.84
C VAL A 176 14.17 -6.49 -18.40
N ALA A 177 13.99 -7.37 -17.42
CA ALA A 177 13.87 -7.00 -16.00
C ALA A 177 15.13 -7.51 -15.31
N PHE A 178 15.79 -6.67 -14.50
CA PHE A 178 17.05 -7.08 -13.84
C PHE A 178 17.32 -6.17 -12.64
N THR A 179 17.99 -6.74 -11.65
CA THR A 179 18.46 -6.04 -10.44
C THR A 179 19.55 -5.03 -10.84
N HIS A 180 19.57 -3.93 -10.10
CA HIS A 180 20.67 -2.94 -10.09
C HIS A 180 21.79 -3.45 -9.19
N HIS A 181 21.43 -4.23 -8.20
CA HIS A 181 22.24 -4.53 -7.01
C HIS A 181 21.63 -5.73 -6.29
N SER A 182 22.33 -6.86 -6.30
CA SER A 182 21.74 -8.11 -5.78
C SER A 182 21.55 -7.99 -4.25
N ASN A 183 20.40 -8.47 -3.76
CA ASN A 183 20.10 -8.52 -2.31
C ASN A 183 20.78 -9.73 -1.66
N VAL A 184 21.54 -10.53 -2.43
CA VAL A 184 22.27 -11.70 -1.87
C VAL A 184 23.77 -11.59 -2.17
N THR A 185 24.15 -11.53 -3.44
CA THR A 185 25.59 -11.54 -3.83
C THR A 185 26.21 -10.15 -3.68
N GLY A 186 25.40 -9.08 -3.56
CA GLY A 186 25.92 -7.70 -3.44
C GLY A 186 26.47 -7.13 -4.73
N VAL A 187 26.35 -7.84 -5.86
CA VAL A 187 26.94 -7.39 -7.14
C VAL A 187 26.18 -6.20 -7.71
N LEU A 188 26.97 -5.28 -8.20
CA LEU A 188 26.51 -4.07 -8.90
CA LEU A 188 26.51 -4.07 -8.90
C LEU A 188 26.53 -4.40 -10.40
N THR A 189 25.38 -4.26 -11.06
CA THR A 189 25.17 -4.85 -12.39
C THR A 189 25.54 -3.87 -13.49
N PRO A 190 25.84 -4.39 -14.70
CA PRO A 190 26.25 -3.56 -15.83
C PRO A 190 25.03 -2.98 -16.57
N VAL A 191 24.41 -1.99 -15.94
CA VAL A 191 23.08 -1.46 -16.39
C VAL A 191 23.24 -1.00 -17.82
N SER A 192 24.32 -0.28 -18.13
CA SER A 192 24.55 0.37 -19.44
C SER A 192 24.57 -0.68 -20.55
N GLU A 193 25.27 -1.79 -20.32
CA GLU A 193 25.31 -2.92 -21.28
C GLU A 193 23.92 -3.55 -21.41
N LEU A 194 23.23 -3.79 -20.29
CA LEU A 194 21.91 -4.47 -20.34
C LEU A 194 20.92 -3.60 -21.09
N VAL A 195 20.93 -2.27 -20.87
CA VAL A 195 20.03 -1.30 -21.57
C VAL A 195 20.37 -1.30 -23.06
N SER A 196 21.65 -1.21 -23.39
CA SER A 196 22.07 -1.16 -24.81
C SER A 196 21.54 -2.42 -25.54
N ARG A 197 21.65 -3.59 -24.90
CA ARG A 197 21.19 -4.86 -25.49
C ARG A 197 19.66 -4.86 -25.63
N ALA A 198 18.95 -4.44 -24.59
CA ALA A 198 17.47 -4.30 -24.60
C ALA A 198 17.05 -3.47 -25.81
N HIS A 199 17.72 -2.34 -26.05
CA HIS A 199 17.39 -1.38 -27.13
C HIS A 199 17.55 -2.04 -28.50
N GLN A 200 18.45 -3.00 -28.62
CA GLN A 200 18.69 -3.70 -29.93
C GLN A 200 17.43 -4.44 -30.40
N SER A 201 16.49 -4.80 -29.50
CA SER A 201 15.19 -5.43 -29.88
C SER A 201 14.00 -4.48 -29.62
N GLY A 202 14.24 -3.21 -29.29
CA GLY A 202 13.21 -2.26 -28.81
C GLY A 202 12.51 -2.74 -27.53
N ALA A 203 13.21 -3.44 -26.64
CA ALA A 203 12.64 -3.95 -25.38
C ALA A 203 12.60 -2.82 -24.36
N LEU A 204 11.62 -2.89 -23.46
CA LEU A 204 11.54 -1.98 -22.28
C LEU A 204 12.40 -2.57 -21.17
N THR A 205 13.09 -1.74 -20.38
CA THR A 205 13.91 -2.20 -19.24
C THR A 205 13.21 -1.84 -17.91
N VAL A 206 13.29 -2.78 -16.97
CA VAL A 206 12.67 -2.68 -15.62
C VAL A 206 13.78 -2.96 -14.62
N LEU A 207 14.19 -1.92 -13.89
CA LEU A 207 15.35 -2.02 -12.97
C LEU A 207 14.84 -2.22 -11.54
N ASP A 208 15.26 -3.29 -10.88
CA ASP A 208 14.98 -3.51 -9.46
C ASP A 208 16.07 -2.77 -8.68
N ALA A 209 15.77 -1.58 -8.21
CA ALA A 209 16.77 -0.72 -7.53
C ALA A 209 16.55 -0.73 -6.00
N CYS A 210 15.93 -1.76 -5.44
CA CYS A 210 15.65 -1.79 -3.99
C CYS A 210 16.93 -1.74 -3.16
N GLN A 211 18.02 -2.39 -3.63
CA GLN A 211 19.28 -2.41 -2.85
C GLN A 211 20.28 -1.38 -3.42
N SER A 212 19.98 -0.62 -4.46
CA SER A 212 20.89 0.48 -4.91
C SER A 212 20.47 1.78 -4.22
N VAL A 213 19.20 2.12 -4.24
CA VAL A 213 18.80 3.48 -3.77
C VAL A 213 19.21 3.73 -2.33
N PRO A 214 19.16 2.73 -1.41
CA PRO A 214 19.63 2.96 -0.04
C PRO A 214 21.16 3.02 0.12
N HIS A 215 21.93 2.56 -0.86
CA HIS A 215 23.35 2.12 -0.63
C HIS A 215 24.34 2.81 -1.55
N GLN A 216 23.92 3.53 -2.59
CA GLN A 216 24.86 4.11 -3.56
C GLN A 216 24.18 5.29 -4.22
N PRO A 217 24.91 6.27 -4.79
CA PRO A 217 24.27 7.29 -5.62
C PRO A 217 23.47 6.62 -6.77
N VAL A 218 22.23 7.07 -6.98
CA VAL A 218 21.39 6.57 -8.10
C VAL A 218 20.86 7.78 -8.87
N ASP A 219 21.09 7.78 -10.17
CA ASP A 219 20.59 8.80 -11.11
C ASP A 219 19.83 8.05 -12.20
N LEU A 220 18.50 8.07 -12.14
CA LEU A 220 17.67 7.16 -12.97
C LEU A 220 17.68 7.64 -14.42
N HIS A 221 17.72 8.95 -14.66
CA HIS A 221 17.89 9.50 -16.02
C HIS A 221 19.20 8.95 -16.59
N GLU A 222 20.29 9.11 -15.84
CA GLU A 222 21.66 8.69 -16.26
CA GLU A 222 21.64 8.72 -16.33
C GLU A 222 21.63 7.21 -16.65
N LEU A 223 21.04 6.39 -15.79
CA LEU A 223 20.95 4.92 -16.02
C LEU A 223 20.20 4.60 -17.31
N GLY A 224 19.23 5.41 -17.74
CA GLY A 224 18.54 5.29 -19.03
C GLY A 224 17.57 4.11 -19.05
N VAL A 225 17.20 3.61 -17.87
CA VAL A 225 16.16 2.56 -17.73
C VAL A 225 14.77 3.13 -18.02
N ASP A 226 13.84 2.29 -18.50
CA ASP A 226 12.44 2.75 -18.75
C ASP A 226 11.68 2.83 -17.42
N PHE A 227 11.93 1.87 -16.53
CA PHE A 227 11.22 1.78 -15.22
C PHE A 227 12.20 1.36 -14.15
N ALA A 228 11.95 1.79 -12.92
CA ALA A 228 12.71 1.33 -11.75
C ALA A 228 11.80 1.28 -10.52
N ALA A 229 12.09 0.34 -9.61
CA ALA A 229 11.33 0.15 -8.36
C ALA A 229 12.30 0.25 -7.20
N PHE A 230 11.86 0.84 -6.08
CA PHE A 230 12.64 0.84 -4.83
C PHE A 230 11.67 0.94 -3.66
N SER A 231 12.27 0.69 -2.49
N SER A 231 12.20 0.73 -2.46
CA SER A 231 11.60 0.44 -1.18
CA SER A 231 11.43 0.41 -1.24
C SER A 231 11.88 1.62 -0.25
C SER A 231 11.81 1.40 -0.14
N GLY A 232 10.83 2.22 0.32
CA GLY A 232 11.00 3.24 1.37
C GLY A 232 11.66 2.67 2.61
N HIS A 233 11.17 1.54 3.08
CA HIS A 233 11.58 0.97 4.39
C HIS A 233 13.02 0.49 4.34
N LYS A 234 13.62 0.33 3.17
CA LYS A 234 15.04 -0.11 3.07
C LYS A 234 15.96 1.10 3.10
N MET A 235 15.43 2.31 2.88
CA MET A 235 16.30 3.52 2.84
C MET A 235 16.00 4.44 4.01
N LEU A 236 15.75 3.87 5.18
CA LEU A 236 15.50 4.62 6.44
C LEU A 236 14.09 5.26 6.43
N GLY A 237 13.24 4.93 5.46
CA GLY A 237 11.91 5.54 5.36
C GLY A 237 10.84 4.65 6.01
N PRO A 238 9.58 5.13 6.05
CA PRO A 238 8.47 4.35 6.62
C PRO A 238 8.17 3.09 5.83
N ASN A 239 7.45 2.19 6.51
CA ASN A 239 6.70 1.06 5.92
C ASN A 239 5.60 1.65 5.07
N GLY A 240 5.11 0.83 4.12
CA GLY A 240 3.89 1.13 3.38
C GLY A 240 4.12 2.08 2.25
N ILE A 241 5.38 2.35 1.84
CA ILE A 241 5.65 3.22 0.67
C ILE A 241 6.80 2.62 -0.16
N GLY A 242 6.45 2.31 -1.38
CA GLY A 242 7.31 1.99 -2.53
C GLY A 242 7.21 3.07 -3.57
N VAL A 243 8.15 3.03 -4.49
CA VAL A 243 8.20 3.98 -5.62
C VAL A 243 8.45 3.21 -6.92
N LEU A 244 7.64 3.57 -7.91
CA LEU A 244 7.88 3.24 -9.32
C LEU A 244 8.35 4.52 -10.00
N TYR A 245 9.52 4.44 -10.61
CA TYR A 245 9.97 5.40 -11.63
C TYR A 245 9.52 4.91 -13.00
N GLY A 246 9.03 5.84 -13.83
CA GLY A 246 8.75 5.57 -15.24
C GLY A 246 9.15 6.79 -16.05
N ARG A 247 9.87 6.63 -17.15
CA ARG A 247 10.15 7.76 -18.06
C ARG A 247 8.82 8.44 -18.40
N ARG A 248 8.80 9.77 -18.36
CA ARG A 248 7.60 10.62 -18.57
C ARG A 248 6.86 10.14 -19.83
N GLU A 249 7.63 9.97 -20.91
CA GLU A 249 7.10 9.71 -22.28
C GLU A 249 6.39 8.36 -22.25
N LEU A 250 6.89 7.42 -21.45
CA LEU A 250 6.28 6.08 -21.34
CA LEU A 250 6.25 6.08 -21.35
C LEU A 250 5.02 6.13 -20.45
N LEU A 251 5.12 6.73 -19.26
CA LEU A 251 3.91 6.83 -18.38
C LEU A 251 2.75 7.45 -19.18
N ALA A 252 3.02 8.40 -20.08
CA ALA A 252 1.95 9.11 -20.83
C ALA A 252 1.21 8.12 -21.73
N GLN A 253 1.90 7.10 -22.23
CA GLN A 253 1.31 6.09 -23.15
C GLN A 253 0.59 4.96 -22.40
N MET A 254 0.63 4.93 -21.08
CA MET A 254 0.31 3.69 -20.33
C MET A 254 -1.10 3.77 -19.78
N PRO A 255 -1.95 2.71 -19.95
CA PRO A 255 -3.25 2.68 -19.30
C PRO A 255 -3.04 2.51 -17.79
N PRO A 256 -4.09 2.80 -16.99
CA PRO A 256 -4.01 2.68 -15.54
C PRO A 256 -3.90 1.20 -15.16
N PHE A 257 -3.43 0.96 -13.95
CA PHE A 257 -3.46 -0.39 -13.34
C PHE A 257 -4.62 -0.43 -12.35
N LEU A 258 -4.42 0.07 -11.11
CA LEU A 258 -5.53 0.15 -10.11
C LEU A 258 -6.44 1.33 -10.47
N THR A 259 -7.74 1.16 -10.36
CA THR A 259 -8.67 2.24 -10.70
C THR A 259 -9.56 2.60 -9.50
N GLY A 260 -10.12 3.79 -9.58
CA GLY A 260 -10.96 4.33 -8.50
C GLY A 260 -10.92 5.84 -8.46
N GLY A 261 -11.16 6.41 -7.29
CA GLY A 261 -11.10 7.85 -7.07
C GLY A 261 -9.68 8.36 -7.25
N SER A 262 -9.60 9.62 -7.62
CA SER A 262 -8.37 10.45 -7.70
C SER A 262 -7.63 10.24 -9.02
N MET A 263 -7.81 9.12 -9.71
CA MET A 263 -7.04 8.79 -10.95
C MET A 263 -7.89 9.00 -12.21
N ILE A 264 -9.13 9.48 -12.05
CA ILE A 264 -10.09 9.68 -13.18
C ILE A 264 -10.02 11.14 -13.64
N GLU A 265 -10.41 11.37 -14.90
CA GLU A 265 -10.59 12.71 -15.52
C GLU A 265 -12.10 12.94 -15.59
N THR A 266 -12.85 11.94 -16.07
CA THR A 266 -14.34 11.99 -16.14
C THR A 266 -14.87 10.63 -15.68
N VAL A 267 -16.09 10.59 -15.18
CA VAL A 267 -16.75 9.30 -14.90
C VAL A 267 -18.25 9.41 -15.11
N THR A 268 -18.81 8.37 -15.71
CA THR A 268 -20.27 8.09 -15.77
C THR A 268 -20.46 6.65 -15.28
N MET A 269 -21.70 6.19 -15.21
CA MET A 269 -21.90 4.75 -14.91
C MET A 269 -21.29 3.91 -16.03
N GLU A 270 -21.32 4.40 -17.27
CA GLU A 270 -20.93 3.65 -18.50
C GLU A 270 -19.40 3.55 -18.62
N GLY A 271 -18.65 4.54 -18.12
CA GLY A 271 -17.19 4.50 -18.32
C GLY A 271 -16.52 5.69 -17.69
N ALA A 272 -15.22 5.78 -17.88
CA ALA A 272 -14.39 6.83 -17.27
C ALA A 272 -13.27 7.16 -18.23
N THR A 273 -12.70 8.35 -18.11
CA THR A 273 -11.38 8.68 -18.73
C THR A 273 -10.41 8.99 -17.59
N TYR A 274 -9.13 8.94 -17.84
CA TYR A 274 -8.13 8.86 -16.74
C TYR A 274 -7.25 10.10 -16.75
N ALA A 275 -6.82 10.47 -15.55
CA ALA A 275 -5.88 11.58 -15.28
C ALA A 275 -4.53 11.29 -15.92
N PRO A 276 -3.72 12.33 -16.11
CA PRO A 276 -2.34 12.15 -16.56
C PRO A 276 -1.48 11.49 -15.48
N ALA A 277 -0.31 11.02 -15.87
CA ALA A 277 0.69 10.45 -14.93
C ALA A 277 1.26 11.63 -14.15
N PRO A 278 1.67 11.44 -12.88
CA PRO A 278 1.58 10.13 -12.22
C PRO A 278 0.24 9.83 -11.50
N GLN A 279 -0.69 10.78 -11.46
CA GLN A 279 -1.97 10.61 -10.75
C GLN A 279 -2.71 9.41 -11.35
N ARG A 280 -2.59 9.16 -12.66
CA ARG A 280 -3.19 7.98 -13.34
C ARG A 280 -2.93 6.67 -12.57
N PHE A 281 -1.80 6.54 -11.88
CA PHE A 281 -1.34 5.26 -11.29
C PHE A 281 -1.52 5.23 -9.76
N GLU A 282 -2.16 6.22 -9.17
CA GLU A 282 -2.41 6.34 -7.72
C GLU A 282 -3.92 6.40 -7.50
N ALA A 283 -4.49 5.23 -7.21
CA ALA A 283 -5.94 5.05 -7.00
C ALA A 283 -6.19 5.12 -5.51
N GLY A 284 -7.14 5.96 -5.09
CA GLY A 284 -7.57 6.04 -3.68
C GLY A 284 -6.63 6.85 -2.84
N THR A 285 -6.93 6.98 -1.55
CA THR A 285 -6.14 7.79 -0.61
C THR A 285 -4.70 7.28 -0.59
N PRO A 286 -3.71 8.16 -0.85
CA PRO A 286 -2.32 7.74 -0.81
C PRO A 286 -1.77 7.69 0.59
N MET A 287 -0.53 7.21 0.69
CA MET A 287 0.17 7.01 1.98
C MET A 287 0.80 8.36 2.38
N THR A 288 -0.07 9.33 2.70
CA THR A 288 0.32 10.75 2.69
C THR A 288 1.46 11.00 3.71
N SER A 289 1.26 10.58 4.96
CA SER A 289 2.27 10.76 6.04
C SER A 289 3.55 9.98 5.72
N GLN A 290 3.45 8.86 5.00
CA GLN A 290 4.63 8.03 4.65
C GLN A 290 5.44 8.74 3.56
N VAL A 291 4.79 9.51 2.68
CA VAL A 291 5.55 10.30 1.70
C VAL A 291 6.40 11.32 2.48
N VAL A 292 5.77 12.00 3.44
CA VAL A 292 6.49 12.97 4.29
C VAL A 292 7.71 12.26 4.92
N GLY A 293 7.50 11.12 5.57
CA GLY A 293 8.61 10.39 6.19
C GLY A 293 9.67 9.95 5.18
N LEU A 294 9.26 9.51 3.99
CA LEU A 294 10.24 9.01 2.99
C LEU A 294 11.04 10.21 2.47
N ALA A 295 10.41 11.35 2.24
CA ALA A 295 11.14 12.57 1.81
C ALA A 295 12.16 12.94 2.89
N ALA A 296 11.81 12.86 4.17
CA ALA A 296 12.73 13.13 5.30
C ALA A 296 13.89 12.13 5.27
N ALA A 297 13.65 10.86 4.96
CA ALA A 297 14.71 9.83 4.84
C ALA A 297 15.65 10.18 3.69
N ALA A 298 15.12 10.61 2.52
CA ALA A 298 15.92 11.05 1.35
C ALA A 298 16.75 12.27 1.71
N ARG A 299 16.21 13.20 2.50
CA ARG A 299 16.98 14.41 2.88
C ARG A 299 18.11 13.95 3.84
N TYR A 300 17.81 13.03 4.75
CA TYR A 300 18.76 12.51 5.75
C TYR A 300 19.94 11.91 4.99
N LEU A 301 19.67 10.98 4.07
CA LEU A 301 20.74 10.29 3.32
C LEU A 301 21.50 11.30 2.48
N GLY A 302 20.77 12.22 1.85
CA GLY A 302 21.37 13.27 1.03
C GLY A 302 22.32 14.14 1.84
N ALA A 303 22.04 14.37 3.14
CA ALA A 303 22.87 15.24 4.00
C ALA A 303 24.16 14.51 4.37
N ILE A 304 24.11 13.20 4.59
CA ILE A 304 25.38 12.42 4.74
C ILE A 304 26.12 12.43 3.39
N GLY A 305 25.40 12.18 2.32
CA GLY A 305 25.95 12.04 0.97
C GLY A 305 26.12 10.58 0.60
N MET A 306 25.53 10.20 -0.53
CA MET A 306 25.42 8.78 -0.92
C MET A 306 26.80 8.20 -1.30
N ALA A 307 27.77 8.99 -1.79
CA ALA A 307 29.17 8.51 -1.99
C ALA A 307 29.76 8.12 -0.65
N ALA A 308 29.48 8.90 0.42
CA ALA A 308 30.05 8.65 1.74
C ALA A 308 29.38 7.41 2.33
N VAL A 309 28.08 7.29 2.15
CA VAL A 309 27.35 6.07 2.59
C VAL A 309 27.97 4.84 1.91
N GLU A 310 28.07 4.85 0.59
CA GLU A 310 28.65 3.68 -0.15
C GLU A 310 30.07 3.37 0.34
N ALA A 311 30.92 4.39 0.59
CA ALA A 311 32.33 4.16 1.02
C ALA A 311 32.31 3.46 2.36
N HIS A 312 31.48 3.93 3.30
CA HIS A 312 31.37 3.33 4.66
C HIS A 312 30.88 1.89 4.56
N GLU A 313 29.79 1.65 3.84
CA GLU A 313 29.24 0.29 3.68
C GLU A 313 30.28 -0.60 3.01
N ARG A 314 31.02 -0.10 2.03
CA ARG A 314 32.03 -0.94 1.33
C ARG A 314 33.14 -1.29 2.32
N GLU A 315 33.51 -0.40 3.25
CA GLU A 315 34.50 -0.77 4.30
C GLU A 315 33.99 -1.92 5.16
N LEU A 316 32.71 -1.90 5.52
CA LEU A 316 32.12 -2.95 6.40
C LEU A 316 32.02 -4.25 5.62
N VAL A 317 31.54 -4.15 4.38
CA VAL A 317 31.37 -5.36 3.50
C VAL A 317 32.73 -6.04 3.34
N ALA A 318 33.78 -5.30 3.00
CA ALA A 318 35.13 -5.90 2.80
C ALA A 318 35.58 -6.59 4.11
N ALA A 319 35.38 -5.95 5.25
CA ALA A 319 35.82 -6.50 6.55
C ALA A 319 35.10 -7.81 6.86
N ALA A 320 33.81 -7.86 6.51
CA ALA A 320 32.93 -9.04 6.70
C ALA A 320 33.43 -10.16 5.79
N ILE A 321 33.59 -9.89 4.51
CA ILE A 321 34.07 -10.90 3.51
C ILE A 321 35.42 -11.44 3.99
N GLU A 322 36.35 -10.54 4.35
CA GLU A 322 37.72 -10.96 4.72
C GLU A 322 37.70 -11.70 6.06
N GLY A 323 36.94 -11.24 7.06
CA GLY A 323 36.88 -11.93 8.36
C GLY A 323 36.22 -13.29 8.27
N LEU A 324 35.08 -13.38 7.59
CA LEU A 324 34.41 -14.70 7.40
C LEU A 324 35.29 -15.66 6.55
N SER A 325 35.95 -15.15 5.51
CA SER A 325 36.82 -15.98 4.62
C SER A 325 38.01 -16.53 5.40
N GLY A 326 38.30 -15.94 6.56
CA GLY A 326 39.41 -16.32 7.46
C GLY A 326 39.01 -17.48 8.34
N ILE A 327 37.73 -17.88 8.29
CA ILE A 327 37.19 -19.03 9.07
C ILE A 327 37.19 -20.25 8.15
N ASP A 328 37.85 -21.32 8.56
CA ASP A 328 37.87 -22.57 7.76
C ASP A 328 36.42 -23.00 7.51
N GLY A 329 36.12 -23.41 6.28
CA GLY A 329 34.84 -24.02 5.95
C GLY A 329 33.74 -22.97 5.82
N VAL A 330 34.09 -21.69 5.72
CA VAL A 330 33.08 -20.62 5.45
C VAL A 330 33.30 -20.12 4.03
N ARG A 331 32.23 -20.12 3.25
CA ARG A 331 32.18 -19.76 1.81
C ARG A 331 31.19 -18.60 1.63
N ILE A 332 31.56 -17.61 0.81
CA ILE A 332 30.69 -16.47 0.45
C ILE A 332 29.83 -16.91 -0.73
N LEU A 333 28.55 -16.58 -0.72
CA LEU A 333 27.69 -16.68 -1.93
C LEU A 333 27.73 -15.32 -2.61
N GLY A 334 28.45 -15.24 -3.72
CA GLY A 334 28.83 -13.99 -4.37
C GLY A 334 30.33 -13.78 -4.35
N PRO A 335 30.84 -12.68 -4.90
CA PRO A 335 32.28 -12.52 -5.07
C PRO A 335 32.97 -12.23 -3.73
N THR A 336 34.21 -12.69 -3.59
CA THR A 336 35.09 -12.25 -2.47
C THR A 336 35.72 -10.91 -2.86
N SER A 337 35.97 -10.69 -4.14
CA SER A 337 36.38 -9.38 -4.71
C SER A 337 35.38 -8.27 -4.41
N MET A 338 35.87 -7.04 -4.16
CA MET A 338 35.03 -5.84 -3.98
C MET A 338 34.80 -5.12 -5.32
N ARG A 339 35.34 -5.67 -6.42
CA ARG A 339 35.01 -5.10 -7.75
C ARG A 339 33.50 -5.18 -7.99
N ASP A 340 32.88 -4.03 -8.30
CA ASP A 340 31.45 -3.97 -8.69
C ASP A 340 30.66 -4.73 -7.65
N ARG A 341 30.89 -4.40 -6.38
CA ARG A 341 30.28 -5.13 -5.24
C ARG A 341 29.99 -4.21 -4.06
N GLY A 342 28.87 -4.46 -3.40
CA GLY A 342 28.46 -3.78 -2.17
C GLY A 342 27.74 -4.71 -1.24
N SER A 343 26.89 -4.18 -0.35
CA SER A 343 26.09 -5.01 0.60
C SER A 343 25.18 -5.93 -0.21
N PRO A 344 24.84 -7.16 0.23
CA PRO A 344 25.21 -7.74 1.52
C PRO A 344 26.23 -8.89 1.40
N VAL A 345 26.51 -9.53 2.52
CA VAL A 345 27.41 -10.71 2.60
C VAL A 345 26.61 -11.92 3.05
N ALA A 346 26.33 -12.79 2.08
CA ALA A 346 25.65 -14.10 2.27
C ALA A 346 26.70 -15.21 2.26
N PHE A 347 26.60 -16.14 3.21
CA PHE A 347 27.64 -17.17 3.42
C PHE A 347 27.06 -18.46 3.95
N VAL A 348 27.82 -19.52 3.70
CA VAL A 348 27.52 -20.87 4.19
C VAL A 348 28.65 -21.25 5.15
N VAL A 349 28.31 -21.94 6.21
CA VAL A 349 29.26 -22.48 7.20
C VAL A 349 29.26 -23.99 6.96
N GLU A 350 30.34 -24.53 6.44
CA GLU A 350 30.41 -26.00 6.18
C GLU A 350 29.99 -26.74 7.46
N GLY A 351 29.02 -27.66 7.34
CA GLY A 351 28.61 -28.54 8.45
C GLY A 351 27.72 -27.87 9.46
N VAL A 352 27.36 -26.58 9.30
CA VAL A 352 26.45 -25.88 10.26
C VAL A 352 25.31 -25.24 9.46
N HIS A 353 24.10 -25.78 9.59
CA HIS A 353 22.89 -25.25 8.93
C HIS A 353 22.72 -23.74 9.20
N ALA A 354 22.24 -22.99 8.21
CA ALA A 354 22.06 -21.53 8.36
C ALA A 354 21.19 -21.18 9.55
N HIS A 355 20.19 -22.00 9.88
CA HIS A 355 19.27 -21.72 11.01
C HIS A 355 20.06 -21.74 12.32
N ASP A 356 21.06 -22.64 12.43
CA ASP A 356 21.88 -22.81 13.66
C ASP A 356 22.90 -21.67 13.70
N VAL A 357 23.46 -21.33 12.55
CA VAL A 357 24.40 -20.15 12.47
C VAL A 357 23.67 -18.89 12.96
N GLY A 358 22.47 -18.62 12.44
CA GLY A 358 21.70 -17.41 12.80
C GLY A 358 21.31 -17.42 14.27
N GLN A 359 20.97 -18.58 14.82
CA GLN A 359 20.61 -18.70 16.27
C GLN A 359 21.78 -18.34 17.16
N VAL A 360 22.97 -18.79 16.84
CA VAL A 360 24.19 -18.50 17.64
C VAL A 360 24.48 -17.00 17.54
N LEU A 361 24.39 -16.43 16.34
CA LEU A 361 24.65 -14.98 16.15
C LEU A 361 23.63 -14.22 16.99
N ASP A 362 22.37 -14.63 16.94
CA ASP A 362 21.26 -13.98 17.68
C ASP A 362 21.53 -14.04 19.18
N ASP A 363 22.08 -15.15 19.68
CA ASP A 363 22.36 -15.30 21.13
C ASP A 363 23.32 -14.18 21.54
N GLY A 364 24.19 -13.75 20.63
CA GLY A 364 25.17 -12.64 20.85
C GLY A 364 24.63 -11.28 20.43
N GLY A 365 23.33 -11.15 20.12
CA GLY A 365 22.74 -9.82 19.81
C GLY A 365 22.90 -9.44 18.36
N VAL A 366 23.44 -10.33 17.52
CA VAL A 366 23.70 -10.04 16.08
C VAL A 366 22.50 -10.59 15.30
N ALA A 367 21.75 -9.68 14.69
CA ALA A 367 20.60 -9.99 13.83
C ALA A 367 21.09 -10.17 12.40
N VAL A 368 20.95 -11.37 11.85
CA VAL A 368 21.16 -11.61 10.40
C VAL A 368 19.92 -12.34 9.90
N ARG A 369 19.71 -12.33 8.59
CA ARG A 369 18.64 -13.13 7.95
C ARG A 369 19.24 -14.51 7.64
N VAL A 370 18.43 -15.55 7.87
CA VAL A 370 18.75 -16.91 7.40
C VAL A 370 17.62 -17.36 6.48
N GLY A 371 17.99 -18.10 5.46
CA GLY A 371 17.06 -18.65 4.48
C GLY A 371 17.52 -18.36 3.08
N HIS A 372 16.58 -18.07 2.18
CA HIS A 372 16.90 -17.90 0.75
C HIS A 372 16.87 -16.42 0.41
N HIS A 373 16.49 -15.53 1.35
CA HIS A 373 16.52 -14.06 1.18
C HIS A 373 15.55 -13.66 0.06
S2 TSY A 374 9.55 -15.31 -0.82
S1 TSY A 374 10.54 -14.26 0.75
SG TSY A 374 11.63 -12.61 0.19
CB TSY A 374 12.91 -12.73 -1.18
CA TSY A 374 13.54 -14.13 -1.35
N TSY A 374 14.51 -14.34 -0.33
C TSY A 374 14.24 -14.41 -2.74
O TSY A 374 14.02 -13.64 -3.73
N ALA A 375 15.33 -15.22 -2.77
CA ALA A 375 16.01 -15.52 -4.08
C ALA A 375 16.33 -17.02 -4.14
N LEU A 376 15.27 -17.84 -4.19
CA LEU A 376 15.42 -19.30 -4.09
C LEU A 376 16.11 -19.83 -5.35
N PRO A 377 15.73 -19.40 -6.57
CA PRO A 377 16.39 -19.95 -7.77
C PRO A 377 17.91 -19.69 -7.71
N LEU A 378 18.33 -18.55 -7.13
CA LEU A 378 19.78 -18.21 -6.95
C LEU A 378 20.42 -19.27 -6.05
N HIS A 379 19.80 -19.56 -4.91
CA HIS A 379 20.35 -20.56 -3.96
C HIS A 379 20.41 -21.92 -4.67
N ARG A 380 19.33 -22.28 -5.35
CA ARG A 380 19.25 -23.60 -6.04
C ARG A 380 20.38 -23.73 -7.05
N ARG A 381 20.68 -22.64 -7.76
CA ARG A 381 21.72 -22.58 -8.81
C ARG A 381 23.07 -22.95 -8.17
N PHE A 382 23.24 -22.66 -6.88
CA PHE A 382 24.50 -22.96 -6.15
C PHE A 382 24.33 -24.21 -5.28
N GLY A 383 23.22 -24.94 -5.41
CA GLY A 383 22.99 -26.16 -4.62
C GLY A 383 22.85 -25.88 -3.13
N LEU A 384 22.30 -24.72 -2.74
CA LEU A 384 22.19 -24.32 -1.31
C LEU A 384 20.73 -24.27 -0.88
N ALA A 385 20.44 -24.75 0.31
CA ALA A 385 19.08 -24.76 0.88
C ALA A 385 18.78 -23.39 1.47
N ALA A 386 19.83 -22.73 1.96
CA ALA A 386 19.74 -21.52 2.80
C ALA A 386 21.16 -20.96 3.00
N THR A 387 21.27 -19.66 3.21
CA THR A 387 22.49 -18.99 3.68
C THR A 387 22.15 -18.08 4.85
N ALA A 388 23.17 -17.70 5.61
CA ALA A 388 23.13 -16.56 6.54
C ALA A 388 23.54 -15.30 5.76
N ARG A 389 22.88 -14.18 6.03
CA ARG A 389 23.15 -12.90 5.33
C ARG A 389 23.35 -11.77 6.32
N ALA A 390 24.55 -11.20 6.38
CA ALA A 390 24.81 -9.90 7.04
C ALA A 390 24.73 -8.78 5.99
N SER A 391 23.73 -7.90 6.13
CA SER A 391 23.54 -6.69 5.29
C SER A 391 23.86 -5.46 6.14
N PHE A 392 24.27 -4.37 5.50
CA PHE A 392 24.94 -3.24 6.15
C PHE A 392 24.20 -1.95 5.81
N ALA A 393 24.18 -1.04 6.77
CA ALA A 393 23.56 0.29 6.64
C ALA A 393 24.57 1.31 7.15
N VAL A 394 24.27 2.56 6.89
CA VAL A 394 25.17 3.70 7.23
C VAL A 394 25.44 3.69 8.75
N TYR A 395 24.58 3.10 9.56
CA TYR A 395 24.71 3.16 11.05
C TYR A 395 25.53 1.98 11.57
N ASN A 396 25.92 1.02 10.72
CA ASN A 396 26.63 -0.17 11.23
C ASN A 396 28.12 0.17 11.40
N THR A 397 28.81 -0.66 12.16
CA THR A 397 30.18 -0.37 12.63
C THR A 397 31.13 -1.55 12.41
N ALA A 398 32.45 -1.27 12.39
CA ALA A 398 33.51 -2.30 12.33
C ALA A 398 33.38 -3.24 13.53
N ASP A 399 32.97 -2.74 14.69
CA ASP A 399 32.87 -3.63 15.88
C ASP A 399 31.75 -4.65 15.65
N GLU A 400 30.65 -4.25 14.99
CA GLU A 400 29.52 -5.19 14.69
C GLU A 400 30.02 -6.25 13.70
N VAL A 401 30.82 -5.85 12.72
CA VAL A 401 31.45 -6.86 11.81
C VAL A 401 32.29 -7.84 12.66
N ASP A 402 33.09 -7.36 13.62
CA ASP A 402 33.92 -8.26 14.47
C ASP A 402 33.00 -9.24 15.22
N ARG A 403 31.86 -8.77 15.72
CA ARG A 403 30.90 -9.63 16.47
C ARG A 403 30.27 -10.68 15.54
N LEU A 404 29.99 -10.33 14.28
CA LEU A 404 29.52 -11.24 13.22
C LEU A 404 30.53 -12.37 13.02
N VAL A 405 31.77 -12.00 12.77
CA VAL A 405 32.87 -13.00 12.60
C VAL A 405 32.99 -13.89 13.86
N ALA A 406 33.03 -13.31 15.05
CA ALA A 406 33.15 -14.05 16.33
C ALA A 406 31.96 -15.02 16.48
N GLY A 407 30.75 -14.58 16.13
CA GLY A 407 29.55 -15.43 16.27
C GLY A 407 29.64 -16.62 15.34
N VAL A 408 30.18 -16.43 14.15
CA VAL A 408 30.28 -17.53 13.15
C VAL A 408 31.35 -18.53 13.64
N ARG A 409 32.48 -18.08 14.16
CA ARG A 409 33.46 -19.00 14.83
CA ARG A 409 33.46 -18.99 14.83
C ARG A 409 32.79 -19.74 15.99
N ARG A 410 32.03 -19.02 16.81
CA ARG A 410 31.34 -19.65 17.96
C ARG A 410 30.42 -20.77 17.44
N SER A 411 29.73 -20.54 16.32
CA SER A 411 28.75 -21.53 15.79
C SER A 411 29.51 -22.80 15.38
N ARG A 412 30.70 -22.65 14.81
CA ARG A 412 31.53 -23.80 14.39
C ARG A 412 31.97 -24.61 15.62
N HIS A 413 32.42 -23.94 16.66
CA HIS A 413 32.84 -24.53 17.95
C HIS A 413 31.63 -25.26 18.54
N PHE A 414 30.49 -24.57 18.66
CA PHE A 414 29.28 -25.09 19.38
C PHE A 414 28.75 -26.37 18.72
N PHE A 415 28.74 -26.46 17.39
CA PHE A 415 28.19 -27.60 16.62
C PHE A 415 29.29 -28.56 16.12
N GLY A 416 30.57 -28.17 16.12
CA GLY A 416 31.66 -28.86 15.40
C GLY A 416 32.08 -30.15 16.08
N LEU B 9 -20.62 9.22 27.04
CA LEU B 9 -19.29 9.46 26.42
C LEU B 9 -18.60 10.64 27.11
N ASP B 10 -17.35 10.47 27.54
CA ASP B 10 -16.52 11.62 27.99
C ASP B 10 -15.90 12.27 26.74
N LEU B 11 -16.63 13.19 26.11
CA LEU B 11 -16.26 13.88 24.85
C LEU B 11 -14.98 14.73 25.08
N ALA B 12 -14.90 15.40 26.22
CA ALA B 12 -13.73 16.24 26.52
C ALA B 12 -12.47 15.35 26.61
N ALA B 13 -12.56 14.19 27.23
CA ALA B 13 -11.41 13.29 27.42
C ALA B 13 -11.01 12.75 26.04
N ILE B 14 -11.98 12.33 25.24
CA ILE B 14 -11.70 11.79 23.87
C ILE B 14 -10.98 12.87 23.05
N ARG B 15 -11.50 14.09 23.06
CA ARG B 15 -10.92 15.19 22.24
CA ARG B 15 -10.92 15.20 22.25
C ARG B 15 -9.49 15.46 22.74
N ALA B 16 -9.24 15.29 24.04
CA ALA B 16 -7.89 15.53 24.59
C ALA B 16 -6.87 14.53 24.01
N ASP B 17 -7.31 13.41 23.44
CA ASP B 17 -6.38 12.40 22.86
C ASP B 17 -5.80 12.88 21.52
N PHE B 18 -6.37 13.92 20.89
CA PHE B 18 -6.08 14.29 19.47
C PHE B 18 -5.35 15.64 19.40
N PRO B 19 -4.01 15.64 19.27
CA PRO B 19 -3.25 16.87 19.32
C PRO B 19 -3.72 17.88 18.28
N ILE B 20 -4.15 17.42 17.09
CA ILE B 20 -4.40 18.39 15.99
C ILE B 20 -5.63 19.25 16.34
N LEU B 21 -6.49 18.79 17.24
CA LEU B 21 -7.78 19.50 17.48
C LEU B 21 -7.52 20.84 18.19
N LYS B 22 -6.32 21.06 18.72
CA LYS B 22 -5.92 22.33 19.39
C LYS B 22 -5.44 23.36 18.36
N ARG B 23 -5.28 22.95 17.11
CA ARG B 23 -4.67 23.87 16.13
C ARG B 23 -5.51 25.13 15.89
N ILE B 24 -4.86 26.30 15.95
CA ILE B 24 -5.42 27.61 15.53
C ILE B 24 -5.16 27.76 14.03
N MET B 25 -6.23 27.95 13.27
CA MET B 25 -6.25 27.94 11.80
C MET B 25 -5.94 29.36 11.32
N ARG B 26 -5.70 29.56 10.03
CA ARG B 26 -5.11 30.84 9.55
C ARG B 26 -6.02 32.04 9.84
N GLY B 27 -7.34 31.84 9.93
CA GLY B 27 -8.30 32.93 10.27
C GLY B 27 -8.32 33.29 11.76
N GLY B 28 -7.56 32.59 12.63
CA GLY B 28 -7.48 32.88 14.08
C GLY B 28 -8.31 31.96 14.97
N ASN B 29 -9.18 31.14 14.39
CA ASN B 29 -10.07 30.26 15.19
C ASN B 29 -9.52 28.84 15.26
N PRO B 30 -9.78 28.17 16.39
CA PRO B 30 -9.48 26.76 16.55
C PRO B 30 -10.17 25.98 15.43
N LEU B 31 -9.46 24.97 14.95
CA LEU B 31 -10.00 23.99 13.96
C LEU B 31 -11.34 23.46 14.43
N ALA B 32 -12.33 23.42 13.53
CA ALA B 32 -13.51 22.56 13.65
C ALA B 32 -13.46 21.60 12.46
N TYR B 33 -12.87 20.43 12.65
CA TYR B 33 -12.62 19.47 11.56
C TYR B 33 -13.88 18.65 11.29
N LEU B 34 -14.61 19.01 10.23
CA LEU B 34 -15.81 18.26 9.78
C LEU B 34 -15.50 17.57 8.44
N ASP B 35 -14.31 16.96 8.31
CA ASP B 35 -13.95 16.25 7.06
C ASP B 35 -13.33 14.89 7.39
N SER B 36 -13.78 14.26 8.47
CA SER B 36 -13.33 12.88 8.81
CA SER B 36 -13.36 12.88 8.82
C SER B 36 -13.81 11.88 7.74
N GLY B 37 -14.82 12.25 6.94
CA GLY B 37 -15.31 11.41 5.82
C GLY B 37 -14.20 11.20 4.78
N ALA B 38 -13.33 12.20 4.61
CA ALA B 38 -12.19 12.12 3.66
C ALA B 38 -11.01 11.42 4.36
N THR B 39 -10.70 11.82 5.60
CA THR B 39 -9.58 11.24 6.41
C THR B 39 -9.82 11.67 7.84
N SER B 40 -9.58 10.77 8.79
CA SER B 40 -9.85 11.02 10.22
CA SER B 40 -9.85 11.05 10.22
C SER B 40 -8.56 11.50 10.88
N GLN B 41 -8.65 12.04 12.09
CA GLN B 41 -7.48 12.52 12.82
C GLN B 41 -7.00 11.40 13.75
N ARG B 42 -5.79 11.53 14.25
CA ARG B 42 -5.09 10.43 14.97
CA ARG B 42 -5.06 10.44 14.97
C ARG B 42 -5.03 10.73 16.46
N PRO B 43 -5.45 9.79 17.33
CA PRO B 43 -5.26 9.95 18.76
C PRO B 43 -3.84 9.51 19.13
N LEU B 44 -3.35 10.03 20.26
CA LEU B 44 -2.01 9.71 20.78
C LEU B 44 -1.84 8.19 20.91
N GLN B 45 -2.86 7.46 21.26
CA GLN B 45 -2.77 5.99 21.47
C GLN B 45 -2.35 5.32 20.14
N VAL B 46 -2.78 5.87 19.03
CA VAL B 46 -2.43 5.31 17.68
C VAL B 46 -1.01 5.73 17.30
N LEU B 47 -0.73 7.03 17.44
CA LEU B 47 0.58 7.63 17.10
C LEU B 47 1.63 6.92 17.95
N ASP B 48 1.31 6.72 19.24
CA ASP B 48 2.28 6.12 20.21
C ASP B 48 2.45 4.63 19.99
N ALA B 49 1.41 3.88 19.67
CA ALA B 49 1.52 2.43 19.43
C ALA B 49 2.50 2.22 18.26
N GLU B 50 2.41 3.06 17.23
CA GLU B 50 3.26 2.90 16.01
C GLU B 50 4.70 3.33 16.34
N ARG B 51 4.89 4.45 17.05
CA ARG B 51 6.25 4.95 17.38
CA ARG B 51 6.26 4.94 17.37
C ARG B 51 6.98 3.96 18.31
N GLU B 52 6.28 3.40 19.31
CA GLU B 52 6.84 2.43 20.29
C GLU B 52 7.32 1.18 19.53
N PHE B 53 6.51 0.69 18.62
CA PHE B 53 6.90 -0.44 17.74
C PHE B 53 8.18 -0.10 16.95
N LEU B 54 8.20 1.07 16.30
CA LEU B 54 9.29 1.46 15.38
C LEU B 54 10.62 1.62 16.14
N THR B 55 10.56 2.06 17.37
CA THR B 55 11.80 2.33 18.15
C THR B 55 12.21 1.14 19.01
N ALA B 56 11.46 0.03 19.01
CA ALA B 56 11.75 -1.15 19.86
C ALA B 56 11.87 -2.43 19.03
N SER B 57 10.90 -2.73 18.16
CA SER B 57 10.68 -4.10 17.68
C SER B 57 10.71 -4.16 16.15
N ASN B 58 11.22 -3.13 15.49
CA ASN B 58 11.16 -3.04 14.01
C ASN B 58 12.12 -4.07 13.41
N GLY B 59 11.56 -5.06 12.73
CA GLY B 59 12.35 -6.11 12.05
C GLY B 59 11.49 -6.70 10.96
N ALA B 60 12.03 -7.59 10.14
CA ALA B 60 11.26 -8.15 8.99
C ALA B 60 10.19 -9.07 9.56
N VAL B 61 9.05 -9.18 8.90
CA VAL B 61 7.99 -10.14 9.34
CA VAL B 61 7.94 -10.10 9.27
C VAL B 61 8.10 -11.42 8.51
N HIS B 62 7.92 -12.57 9.17
CA HIS B 62 7.80 -13.92 8.56
C HIS B 62 9.05 -14.22 7.70
N ARG B 63 10.19 -13.60 8.01
CA ARG B 63 11.42 -13.59 7.15
C ARG B 63 12.66 -13.66 8.06
N GLY B 64 13.38 -14.78 8.04
CA GLY B 64 14.47 -15.05 9.00
C GLY B 64 13.92 -15.51 10.34
N ALA B 65 14.70 -15.34 11.39
CA ALA B 65 14.46 -16.05 12.67
C ALA B 65 15.08 -15.34 13.88
N HIS B 66 15.48 -14.08 13.77
CA HIS B 66 16.12 -13.35 14.88
C HIS B 66 15.05 -12.72 15.80
N GLN B 67 15.46 -12.23 16.93
CA GLN B 67 14.53 -11.71 17.97
C GLN B 67 13.60 -10.63 17.41
N LEU B 68 14.14 -9.60 16.73
CA LEU B 68 13.29 -8.50 16.22
C LEU B 68 12.28 -9.06 15.21
N MET B 69 12.68 -10.01 14.36
CA MET B 69 11.77 -10.71 13.41
C MET B 69 10.60 -11.32 14.20
N GLU B 70 10.86 -11.96 15.34
CA GLU B 70 9.80 -12.63 16.15
C GLU B 70 8.86 -11.57 16.76
N GLU B 71 9.42 -10.50 17.30
CA GLU B 71 8.58 -9.41 17.86
C GLU B 71 7.76 -8.75 16.74
N ALA B 72 8.36 -8.42 15.61
CA ALA B 72 7.62 -7.78 14.50
C ALA B 72 6.52 -8.74 14.04
N THR B 73 6.86 -10.00 13.81
CA THR B 73 5.85 -10.97 13.30
C THR B 73 4.71 -11.07 14.32
N ASP B 74 5.02 -11.10 15.62
CA ASP B 74 3.98 -11.14 16.68
C ASP B 74 3.07 -9.92 16.55
N ALA B 75 3.61 -8.72 16.43
CA ALA B 75 2.87 -7.44 16.32
C ALA B 75 1.95 -7.42 15.08
N TYR B 76 2.44 -7.92 13.94
CA TYR B 76 1.74 -7.98 12.64
C TYR B 76 0.54 -8.92 12.79
N GLU B 77 0.75 -10.14 13.28
CA GLU B 77 -0.33 -11.15 13.33
C GLU B 77 -1.27 -10.86 14.51
N GLN B 78 -0.81 -10.28 15.62
CA GLN B 78 -1.75 -9.87 16.71
C GLN B 78 -2.58 -8.69 16.22
N GLY B 79 -1.99 -7.77 15.46
CA GLY B 79 -2.75 -6.64 14.89
C GLY B 79 -3.84 -7.16 13.97
N ARG B 80 -3.54 -8.11 13.10
CA ARG B 80 -4.56 -8.73 12.22
C ARG B 80 -5.66 -9.28 13.12
N ALA B 81 -5.32 -10.03 14.16
CA ALA B 81 -6.35 -10.63 15.05
C ALA B 81 -7.21 -9.53 15.72
N ASP B 82 -6.62 -8.44 16.19
CA ASP B 82 -7.35 -7.35 16.88
C ASP B 82 -8.35 -6.70 15.92
N ILE B 83 -7.95 -6.51 14.67
CA ILE B 83 -8.78 -5.81 13.67
C ILE B 83 -9.93 -6.74 13.27
N ALA B 84 -9.66 -8.02 13.12
CA ALA B 84 -10.67 -9.05 12.79
C ALA B 84 -11.72 -9.09 13.89
N LEU B 85 -11.30 -9.10 15.15
CA LEU B 85 -12.27 -9.08 16.29
CA LEU B 85 -12.24 -9.07 16.30
C LEU B 85 -13.18 -7.85 16.20
N PHE B 86 -12.62 -6.67 15.94
CA PHE B 86 -13.35 -5.40 15.83
C PHE B 86 -14.46 -5.51 14.79
N VAL B 87 -14.20 -6.10 13.60
CA VAL B 87 -15.17 -6.14 12.45
C VAL B 87 -15.87 -7.50 12.34
N GLY B 88 -15.82 -8.35 13.36
CA GLY B 88 -16.53 -9.65 13.32
C GLY B 88 -16.05 -10.57 12.18
N ALA B 89 -14.73 -10.62 11.95
CA ALA B 89 -14.11 -11.55 10.98
C ALA B 89 -13.23 -12.51 11.74
N ASP B 90 -12.89 -13.65 11.15
CA ASP B 90 -11.78 -14.50 11.65
C ASP B 90 -10.46 -13.86 11.22
N THR B 91 -9.40 -14.12 11.97
CA THR B 91 -8.06 -13.50 11.72
C THR B 91 -7.63 -13.73 10.26
N ASP B 92 -7.87 -14.92 9.74
CA ASP B 92 -7.33 -15.42 8.47
C ASP B 92 -8.15 -14.86 7.31
N GLU B 93 -9.22 -14.13 7.60
CA GLU B 93 -10.18 -13.58 6.58
C GLU B 93 -9.86 -12.13 6.24
N LEU B 94 -8.82 -11.55 6.85
N LEU B 94 -8.78 -11.56 6.81
CA LEU B 94 -8.37 -10.16 6.56
CA LEU B 94 -8.39 -10.15 6.58
C LEU B 94 -7.10 -10.18 5.72
C LEU B 94 -7.07 -10.08 5.80
N VAL B 95 -7.09 -9.34 4.69
CA VAL B 95 -5.92 -9.08 3.80
C VAL B 95 -5.62 -7.59 3.86
N PHE B 96 -4.39 -7.24 4.14
CA PHE B 96 -3.91 -5.84 4.16
C PHE B 96 -3.51 -5.37 2.77
N THR B 97 -4.03 -4.19 2.42
CA THR B 97 -3.76 -3.48 1.16
C THR B 97 -3.24 -2.07 1.47
N LYS B 98 -2.92 -1.22 0.49
CA LYS B 98 -2.46 0.15 0.80
C LYS B 98 -3.67 1.00 1.23
N ASN B 99 -4.87 0.67 0.74
CA ASN B 99 -6.11 1.46 0.96
C ASN B 99 -7.31 0.59 0.57
N ALA B 100 -8.52 1.03 0.93
CA ALA B 100 -9.77 0.30 0.60
C ALA B 100 -9.88 0.20 -0.91
N THR B 101 -9.42 1.20 -1.64
CA THR B 101 -9.49 1.17 -3.11
C THR B 101 -8.78 -0.07 -3.67
N GLU B 102 -7.60 -0.40 -3.15
CA GLU B 102 -6.82 -1.55 -3.64
C GLU B 102 -7.61 -2.81 -3.29
N ALA B 103 -8.24 -2.84 -2.11
CA ALA B 103 -9.03 -4.02 -1.66
C ALA B 103 -10.12 -4.32 -2.69
N LEU B 104 -10.83 -3.28 -3.15
CA LEU B 104 -11.86 -3.48 -4.17
C LEU B 104 -11.22 -3.88 -5.51
N ASN B 105 -10.10 -3.24 -5.87
CA ASN B 105 -9.39 -3.67 -7.10
C ASN B 105 -9.02 -5.15 -7.05
N LEU B 106 -8.54 -5.62 -5.90
CA LEU B 106 -8.07 -7.03 -5.74
C LEU B 106 -9.23 -7.95 -6.10
N VAL B 107 -10.39 -7.70 -5.52
CA VAL B 107 -11.57 -8.54 -5.85
C VAL B 107 -11.86 -8.40 -7.35
N SER B 108 -11.83 -7.20 -7.90
CA SER B 108 -12.22 -6.98 -9.31
C SER B 108 -11.26 -7.74 -10.21
N TYR B 109 -9.99 -7.92 -9.85
CA TYR B 109 -9.01 -8.61 -10.73
C TYR B 109 -9.13 -10.13 -10.57
N VAL B 110 -9.27 -10.60 -9.35
CA VAL B 110 -9.39 -12.07 -9.13
C VAL B 110 -10.66 -12.58 -9.83
N LEU B 111 -11.73 -11.78 -9.87
CA LEU B 111 -13.03 -12.19 -10.49
C LEU B 111 -12.88 -12.26 -12.01
N GLY B 112 -11.77 -11.82 -12.58
CA GLY B 112 -11.48 -11.95 -14.01
C GLY B 112 -10.43 -13.00 -14.32
N ASP B 113 -9.90 -13.66 -13.30
CA ASP B 113 -8.76 -14.61 -13.44
C ASP B 113 -9.30 -15.99 -13.81
N SER B 114 -8.79 -16.57 -14.88
CA SER B 114 -9.23 -17.89 -15.41
C SER B 114 -9.06 -18.97 -14.33
N ARG B 115 -8.17 -18.78 -13.36
CA ARG B 115 -7.92 -19.82 -12.32
C ARG B 115 -8.97 -19.74 -11.22
N PHE B 116 -9.82 -18.69 -11.16
CA PHE B 116 -10.90 -18.63 -10.14
C PHE B 116 -12.16 -19.27 -10.72
N GLU B 117 -12.75 -20.23 -10.02
CA GLU B 117 -13.96 -20.94 -10.53
C GLU B 117 -15.16 -19.98 -10.61
N ARG B 118 -15.19 -18.83 -9.89
CA ARG B 118 -16.33 -17.85 -9.91
C ARG B 118 -16.00 -16.64 -10.80
N ALA B 119 -14.94 -16.74 -11.60
CA ALA B 119 -14.50 -15.73 -12.60
C ALA B 119 -15.64 -15.39 -13.54
N VAL B 120 -15.77 -14.11 -13.89
CA VAL B 120 -16.85 -13.63 -14.80
C VAL B 120 -16.32 -13.54 -16.22
N GLY B 121 -17.26 -13.70 -17.17
CA GLY B 121 -16.94 -13.74 -18.60
C GLY B 121 -18.12 -13.25 -19.43
N PRO B 122 -18.06 -13.44 -20.75
CA PRO B 122 -19.16 -13.07 -21.62
C PRO B 122 -20.44 -13.71 -21.10
N GLY B 123 -21.51 -12.94 -21.15
CA GLY B 123 -22.84 -13.43 -20.75
C GLY B 123 -23.11 -13.13 -19.29
N ASP B 124 -22.08 -12.83 -18.50
CA ASP B 124 -22.25 -12.60 -17.05
C ASP B 124 -22.48 -11.11 -16.82
N VAL B 125 -23.11 -10.80 -15.70
CA VAL B 125 -23.48 -9.41 -15.34
C VAL B 125 -22.84 -9.09 -14.00
N ILE B 126 -22.23 -7.91 -13.94
CA ILE B 126 -21.67 -7.30 -12.71
C ILE B 126 -22.62 -6.18 -12.33
N VAL B 127 -23.01 -6.10 -11.06
CA VAL B 127 -23.98 -5.05 -10.61
C VAL B 127 -23.27 -4.20 -9.57
N THR B 128 -23.39 -2.90 -9.73
CA THR B 128 -22.94 -1.87 -8.76
C THR B 128 -24.10 -0.89 -8.54
N THR B 129 -23.87 0.30 -7.98
CA THR B 129 -25.00 1.24 -7.77
C THR B 129 -24.55 2.64 -8.19
N GLU B 130 -25.54 3.48 -8.49
CA GLU B 130 -25.29 4.88 -8.90
C GLU B 130 -24.94 5.72 -7.65
N LEU B 131 -25.08 5.13 -6.46
CA LEU B 131 -24.72 5.76 -5.16
C LEU B 131 -23.22 5.67 -4.89
N GLU B 132 -22.47 4.82 -5.62
CA GLU B 132 -21.12 4.35 -5.16
C GLU B 132 -20.09 5.45 -5.23
N HIS B 133 -19.17 5.41 -4.28
CA HIS B 133 -17.83 6.03 -4.42
C HIS B 133 -17.15 5.43 -5.66
N HIS B 134 -16.37 6.20 -6.37
CA HIS B 134 -15.65 5.79 -7.60
C HIS B 134 -14.84 4.48 -7.38
N ALA B 135 -14.35 4.26 -6.18
CA ALA B 135 -13.58 3.03 -5.84
C ALA B 135 -14.44 1.78 -6.05
N ASN B 136 -15.77 1.89 -5.88
CA ASN B 136 -16.72 0.77 -6.01
C ASN B 136 -17.49 0.87 -7.33
N LEU B 137 -16.90 1.56 -8.32
CA LEU B 137 -17.46 1.72 -9.69
C LEU B 137 -16.39 1.38 -10.74
N ILE B 138 -15.27 2.12 -10.76
CA ILE B 138 -14.28 2.02 -11.87
C ILE B 138 -13.75 0.60 -11.94
N PRO B 139 -13.43 -0.11 -10.83
CA PRO B 139 -12.85 -1.43 -11.00
C PRO B 139 -13.80 -2.43 -11.69
N TRP B 140 -15.11 -2.20 -11.54
CA TRP B 140 -16.15 -3.05 -12.19
C TRP B 140 -16.22 -2.73 -13.66
N GLN B 141 -16.10 -1.45 -14.03
CA GLN B 141 -16.04 -1.03 -15.44
C GLN B 141 -14.84 -1.72 -16.09
N GLU B 142 -13.69 -1.74 -15.39
CA GLU B 142 -12.46 -2.37 -15.93
C GLU B 142 -12.61 -3.89 -16.01
N LEU B 143 -13.15 -4.53 -14.99
CA LEU B 143 -13.44 -5.99 -15.04
C LEU B 143 -14.34 -6.32 -16.25
N ALA B 144 -15.41 -5.57 -16.48
CA ALA B 144 -16.30 -5.72 -17.67
C ALA B 144 -15.45 -5.59 -18.95
N ARG B 145 -14.61 -4.55 -19.03
CA ARG B 145 -13.75 -4.25 -20.20
C ARG B 145 -12.83 -5.46 -20.49
N ARG B 146 -12.16 -6.02 -19.48
CA ARG B 146 -11.16 -7.08 -19.66
C ARG B 146 -11.84 -8.39 -20.07
N THR B 147 -12.99 -8.71 -19.50
CA THR B 147 -13.60 -10.06 -19.56
C THR B 147 -14.70 -10.17 -20.63
N GLY B 148 -15.33 -9.08 -21.06
CA GLY B 148 -16.56 -9.15 -21.86
C GLY B 148 -17.86 -9.28 -21.05
N ALA B 149 -17.80 -9.40 -19.71
CA ALA B 149 -18.99 -9.27 -18.84
C ALA B 149 -19.60 -7.87 -19.04
N THR B 150 -20.82 -7.68 -18.61
CA THR B 150 -21.43 -6.33 -18.75
C THR B 150 -21.78 -5.82 -17.35
N LEU B 151 -21.86 -4.52 -17.25
CA LEU B 151 -22.09 -3.82 -15.96
C LEU B 151 -23.51 -3.25 -15.96
N ARG B 152 -24.25 -3.56 -14.91
CA ARG B 152 -25.57 -2.95 -14.65
C ARG B 152 -25.52 -2.28 -13.28
N TRP B 153 -26.55 -1.50 -12.95
CA TRP B 153 -26.52 -0.82 -11.62
C TRP B 153 -27.92 -0.57 -11.13
N TYR B 154 -28.07 -0.59 -9.82
CA TYR B 154 -29.20 0.06 -9.13
C TYR B 154 -29.09 1.57 -9.30
N GLY B 155 -30.22 2.23 -9.49
CA GLY B 155 -30.30 3.68 -9.34
C GLY B 155 -30.48 4.09 -7.89
N VAL B 156 -30.80 5.36 -7.72
CA VAL B 156 -30.84 6.06 -6.41
C VAL B 156 -32.22 6.70 -6.32
N THR B 157 -32.83 6.62 -5.14
CA THR B 157 -34.13 7.23 -4.79
C THR B 157 -33.96 8.73 -4.61
N ASP B 158 -35.07 9.47 -4.63
CA ASP B 158 -34.97 10.95 -4.52
C ASP B 158 -34.39 11.31 -3.14
N ASP B 159 -34.45 10.42 -2.14
CA ASP B 159 -33.87 10.65 -0.79
C ASP B 159 -32.44 10.06 -0.67
N GLY B 160 -31.80 9.63 -1.77
CA GLY B 160 -30.38 9.19 -1.82
C GLY B 160 -30.14 7.80 -1.27
N ARG B 161 -31.13 6.92 -1.40
CA ARG B 161 -31.03 5.50 -1.01
C ARG B 161 -30.90 4.65 -2.26
N ILE B 162 -30.40 3.44 -2.09
CA ILE B 162 -30.34 2.48 -3.22
C ILE B 162 -31.81 2.24 -3.61
N ASP B 163 -32.13 2.37 -4.90
CA ASP B 163 -33.52 2.13 -5.39
C ASP B 163 -33.64 0.66 -5.77
N LEU B 164 -34.18 -0.18 -4.87
CA LEU B 164 -34.21 -1.64 -5.09
C LEU B 164 -35.19 -2.02 -6.22
N ASP B 165 -36.11 -1.10 -6.54
CA ASP B 165 -37.13 -1.26 -7.60
C ASP B 165 -36.53 -1.02 -8.99
N SER B 166 -35.31 -0.45 -9.09
CA SER B 166 -34.74 0.07 -10.37
C SER B 166 -34.05 -1.03 -11.17
N LEU B 167 -33.82 -2.20 -10.56
CA LEU B 167 -33.05 -3.28 -11.21
C LEU B 167 -33.63 -4.60 -10.78
N TYR B 168 -33.89 -5.52 -11.71
CA TYR B 168 -34.22 -6.93 -11.37
C TYR B 168 -32.97 -7.75 -11.70
N LEU B 169 -32.47 -8.50 -10.73
CA LEU B 169 -31.35 -9.46 -10.96
C LEU B 169 -31.92 -10.63 -11.76
N ASP B 170 -31.05 -11.33 -12.45
CA ASP B 170 -31.41 -12.56 -13.18
C ASP B 170 -30.22 -13.49 -13.00
N ASP B 171 -30.28 -14.67 -13.58
CA ASP B 171 -29.23 -15.71 -13.41
C ASP B 171 -27.89 -15.28 -14.00
N ARG B 172 -27.83 -14.24 -14.82
CA ARG B 172 -26.52 -13.82 -15.41
C ARG B 172 -25.69 -13.07 -14.34
N VAL B 173 -26.36 -12.58 -13.29
CA VAL B 173 -25.71 -11.72 -12.27
C VAL B 173 -24.73 -12.59 -11.45
N LYS B 174 -23.46 -12.21 -11.45
CA LYS B 174 -22.40 -13.01 -10.77
C LYS B 174 -21.76 -12.24 -9.62
N VAL B 175 -21.92 -10.92 -9.64
CA VAL B 175 -21.29 -10.01 -8.66
C VAL B 175 -22.31 -8.91 -8.33
N VAL B 176 -22.54 -8.65 -7.04
CA VAL B 176 -23.31 -7.46 -6.61
C VAL B 176 -22.47 -6.64 -5.60
N ALA B 177 -22.03 -5.48 -6.04
CA ALA B 177 -21.14 -4.57 -5.27
C ALA B 177 -21.99 -3.38 -4.84
N PHE B 178 -21.84 -2.96 -3.58
CA PHE B 178 -22.62 -1.83 -3.07
C PHE B 178 -22.04 -1.31 -1.77
N THR B 179 -22.41 -0.08 -1.46
CA THR B 179 -22.00 0.60 -0.22
C THR B 179 -22.81 0.04 0.95
N HIS B 180 -22.14 -0.08 2.09
CA HIS B 180 -22.80 -0.27 3.40
C HIS B 180 -23.42 1.04 3.87
N HIS B 181 -22.80 2.16 3.50
CA HIS B 181 -23.00 3.44 4.20
C HIS B 181 -22.48 4.54 3.28
N SER B 182 -23.38 5.33 2.72
CA SER B 182 -22.99 6.27 1.66
C SER B 182 -22.09 7.35 2.25
N ASN B 183 -21.02 7.66 1.51
CA ASN B 183 -20.06 8.72 1.92
C ASN B 183 -20.62 10.11 1.56
N VAL B 184 -21.81 10.21 0.96
CA VAL B 184 -22.46 11.51 0.61
C VAL B 184 -23.82 11.62 1.30
N THR B 185 -24.73 10.69 1.06
CA THR B 185 -26.13 10.79 1.57
C THR B 185 -26.21 10.29 3.01
N GLY B 186 -25.20 9.53 3.49
CA GLY B 186 -25.18 9.00 4.86
C GLY B 186 -26.13 7.84 5.01
N VAL B 187 -26.71 7.32 3.92
CA VAL B 187 -27.75 6.25 4.07
C VAL B 187 -27.08 4.94 4.46
N LEU B 188 -27.73 4.20 5.39
CA LEU B 188 -27.33 2.86 5.79
C LEU B 188 -28.13 1.90 4.92
N THR B 189 -27.46 1.04 4.18
CA THR B 189 -28.11 0.30 3.08
C THR B 189 -28.70 -1.01 3.59
N PRO B 190 -29.65 -1.59 2.84
CA PRO B 190 -30.31 -2.82 3.28
C PRO B 190 -29.54 -4.08 2.87
N VAL B 191 -28.48 -4.33 3.63
CA VAL B 191 -27.47 -5.39 3.32
C VAL B 191 -28.17 -6.75 3.23
N SER B 192 -29.02 -7.12 4.18
CA SER B 192 -29.58 -8.50 4.23
C SER B 192 -30.50 -8.67 3.01
N GLU B 193 -31.24 -7.62 2.60
CA GLU B 193 -32.07 -7.72 1.36
C GLU B 193 -31.19 -7.91 0.11
N LEU B 194 -30.13 -7.12 -0.05
CA LEU B 194 -29.25 -7.23 -1.23
C LEU B 194 -28.52 -8.57 -1.23
N VAL B 195 -28.10 -9.06 -0.08
CA VAL B 195 -27.46 -10.41 -0.01
C VAL B 195 -28.46 -11.49 -0.44
N SER B 196 -29.67 -11.44 0.09
CA SER B 196 -30.76 -12.38 -0.28
CA SER B 196 -30.74 -12.39 -0.28
C SER B 196 -30.98 -12.35 -1.79
N ARG B 197 -31.06 -11.15 -2.38
CA ARG B 197 -31.27 -11.03 -3.85
C ARG B 197 -30.06 -11.59 -4.60
N ALA B 198 -28.84 -11.21 -4.22
CA ALA B 198 -27.61 -11.70 -4.89
C ALA B 198 -27.63 -13.24 -4.90
N HIS B 199 -28.00 -13.85 -3.77
CA HIS B 199 -28.02 -15.32 -3.57
C HIS B 199 -29.05 -15.98 -4.50
N GLN B 200 -30.04 -15.27 -5.03
CA GLN B 200 -31.01 -15.93 -5.96
C GLN B 200 -30.33 -16.33 -7.26
N SER B 201 -29.19 -15.72 -7.63
CA SER B 201 -28.36 -16.17 -8.79
C SER B 201 -27.02 -16.76 -8.32
N GLY B 202 -26.83 -17.02 -7.05
CA GLY B 202 -25.50 -17.43 -6.57
C GLY B 202 -24.44 -16.37 -6.86
N ALA B 203 -24.84 -15.09 -6.89
CA ALA B 203 -23.92 -13.95 -7.07
C ALA B 203 -23.11 -13.74 -5.79
N LEU B 204 -21.86 -13.31 -5.95
CA LEU B 204 -20.95 -12.88 -4.84
C LEU B 204 -21.32 -11.45 -4.44
N THR B 205 -21.25 -11.10 -3.16
CA THR B 205 -21.50 -9.72 -2.70
C THR B 205 -20.17 -9.08 -2.29
N VAL B 206 -20.00 -7.86 -2.72
CA VAL B 206 -18.84 -7.02 -2.32
C VAL B 206 -19.35 -5.76 -1.61
N LEU B 207 -18.99 -5.61 -0.34
CA LEU B 207 -19.53 -4.54 0.51
C LEU B 207 -18.46 -3.43 0.65
N ASP B 208 -18.78 -2.22 0.23
CA ASP B 208 -17.89 -1.05 0.51
C ASP B 208 -18.24 -0.53 1.91
N ALA B 209 -17.44 -0.85 2.90
CA ALA B 209 -17.71 -0.59 4.33
C ALA B 209 -16.81 0.53 4.84
N CYS B 210 -16.28 1.34 3.94
CA CYS B 210 -15.33 2.41 4.37
C CYS B 210 -16.00 3.40 5.34
N GLN B 211 -17.32 3.63 5.20
CA GLN B 211 -17.99 4.61 6.07
C GLN B 211 -18.87 3.91 7.10
N SER B 212 -18.88 2.57 7.15
CA SER B 212 -19.56 1.85 8.25
C SER B 212 -18.57 1.51 9.38
N VAL B 213 -17.39 0.97 9.07
CA VAL B 213 -16.46 0.47 10.08
C VAL B 213 -16.07 1.58 11.05
N PRO B 214 -15.85 2.83 10.59
CA PRO B 214 -15.49 3.91 11.54
C PRO B 214 -16.67 4.47 12.36
N HIS B 215 -17.92 4.23 11.95
CA HIS B 215 -19.12 5.04 12.40
C HIS B 215 -20.22 4.21 13.06
N GLN B 216 -20.18 2.87 12.96
CA GLN B 216 -21.24 2.01 13.54
C GLN B 216 -20.65 0.64 13.87
N PRO B 217 -21.33 -0.15 14.73
CA PRO B 217 -20.95 -1.52 14.93
C PRO B 217 -20.98 -2.27 13.57
N VAL B 218 -19.93 -3.01 13.29
CA VAL B 218 -19.86 -3.84 12.06
C VAL B 218 -19.49 -5.27 12.44
N ASP B 219 -20.29 -6.22 11.97
CA ASP B 219 -20.05 -7.66 12.18
C ASP B 219 -20.14 -8.34 10.82
N LEU B 220 -18.99 -8.54 10.18
CA LEU B 220 -18.97 -9.01 8.78
C LEU B 220 -19.53 -10.43 8.65
N HIS B 221 -19.34 -11.33 9.61
CA HIS B 221 -19.97 -12.69 9.55
C HIS B 221 -21.49 -12.53 9.52
N GLU B 222 -22.03 -11.69 10.41
CA GLU B 222 -23.48 -11.44 10.56
C GLU B 222 -24.03 -10.95 9.22
N LEU B 223 -23.34 -9.99 8.61
CA LEU B 223 -23.84 -9.31 7.40
C LEU B 223 -23.92 -10.31 6.25
N GLY B 224 -23.08 -11.34 6.27
CA GLY B 224 -23.15 -12.47 5.33
C GLY B 224 -22.71 -12.08 3.93
N VAL B 225 -21.96 -11.01 3.80
CA VAL B 225 -21.30 -10.61 2.53
C VAL B 225 -20.11 -11.53 2.23
N ASP B 226 -19.76 -11.65 0.97
CA ASP B 226 -18.62 -12.48 0.52
C ASP B 226 -17.32 -11.70 0.75
N PHE B 227 -17.29 -10.43 0.38
CA PHE B 227 -16.13 -9.52 0.49
C PHE B 227 -16.57 -8.21 1.14
N ALA B 228 -15.66 -7.53 1.84
CA ALA B 228 -15.86 -6.15 2.33
C ALA B 228 -14.51 -5.43 2.26
N ALA B 229 -14.53 -4.14 1.98
CA ALA B 229 -13.34 -3.25 2.02
C ALA B 229 -13.58 -2.14 3.05
N PHE B 230 -12.52 -1.77 3.75
CA PHE B 230 -12.54 -0.57 4.62
C PHE B 230 -11.16 0.05 4.64
N SER B 231 -11.10 1.23 5.22
CA SER B 231 -9.98 2.19 5.15
C SER B 231 -9.51 2.48 6.56
N GLY B 232 -8.22 2.21 6.82
CA GLY B 232 -7.61 2.51 8.12
C GLY B 232 -7.68 3.99 8.50
N HIS B 233 -7.32 4.87 7.56
CA HIS B 233 -7.16 6.30 7.84
C HIS B 233 -8.52 6.98 8.10
N LYS B 234 -9.64 6.32 7.84
CA LYS B 234 -10.98 6.86 8.18
C LYS B 234 -11.42 6.46 9.59
N MET B 235 -10.83 5.42 10.18
CA MET B 235 -11.19 4.88 11.51
C MET B 235 -10.08 5.17 12.53
N LEU B 236 -9.51 6.36 12.44
CA LEU B 236 -8.51 6.94 13.38
C LEU B 236 -7.13 6.28 13.18
N GLY B 237 -6.96 5.44 12.16
CA GLY B 237 -5.74 4.65 12.03
C GLY B 237 -4.76 5.31 11.05
N PRO B 238 -3.58 4.70 10.81
CA PRO B 238 -2.57 5.26 9.92
C PRO B 238 -3.02 5.29 8.45
N ASN B 239 -2.38 6.18 7.67
CA ASN B 239 -2.32 6.14 6.20
C ASN B 239 -1.65 4.83 5.75
N GLY B 240 -1.90 4.44 4.50
CA GLY B 240 -1.13 3.34 3.88
C GLY B 240 -1.65 1.97 4.28
N ILE B 241 -2.84 1.89 4.89
CA ILE B 241 -3.40 0.56 5.25
C ILE B 241 -4.91 0.51 4.99
N GLY B 242 -5.28 -0.34 4.05
CA GLY B 242 -6.66 -0.77 3.84
C GLY B 242 -6.84 -2.23 4.16
N VAL B 243 -8.09 -2.65 4.19
CA VAL B 243 -8.41 -4.03 4.61
C VAL B 243 -9.40 -4.60 3.61
N LEU B 244 -9.09 -5.82 3.11
CA LEU B 244 -10.06 -6.67 2.41
C LEU B 244 -10.47 -7.76 3.37
N TYR B 245 -11.76 -7.94 3.52
CA TYR B 245 -12.36 -9.13 4.15
C TYR B 245 -12.82 -10.05 3.03
N GLY B 246 -12.51 -11.33 3.18
CA GLY B 246 -13.07 -12.39 2.31
C GLY B 246 -13.47 -13.58 3.14
N ARG B 247 -14.62 -14.18 2.85
CA ARG B 247 -15.01 -15.43 3.54
CA ARG B 247 -15.01 -15.43 3.55
C ARG B 247 -13.86 -16.44 3.39
N ARG B 248 -13.49 -17.12 4.46
CA ARG B 248 -12.37 -18.09 4.46
C ARG B 248 -12.47 -19.04 3.26
N GLU B 249 -13.66 -19.56 2.96
CA GLU B 249 -13.85 -20.62 1.95
C GLU B 249 -13.63 -20.03 0.55
N LEU B 250 -14.02 -18.76 0.35
CA LEU B 250 -13.80 -18.03 -0.92
CA LEU B 250 -13.81 -17.99 -0.89
C LEU B 250 -12.32 -17.69 -1.09
N LEU B 251 -11.69 -17.10 -0.06
CA LEU B 251 -10.24 -16.78 -0.18
C LEU B 251 -9.48 -18.06 -0.58
N ALA B 252 -9.83 -19.22 -0.03
CA ALA B 252 -9.09 -20.48 -0.30
C ALA B 252 -9.19 -20.86 -1.78
N GLN B 253 -10.22 -20.39 -2.48
CA GLN B 253 -10.49 -20.77 -3.89
C GLN B 253 -9.85 -19.77 -4.85
N MET B 254 -9.35 -18.66 -4.34
CA MET B 254 -8.92 -17.54 -5.21
C MET B 254 -7.43 -17.66 -5.55
N PRO B 255 -7.07 -17.37 -6.80
CA PRO B 255 -5.67 -17.20 -7.17
C PRO B 255 -5.20 -15.86 -6.64
N PRO B 256 -3.85 -15.66 -6.58
CA PRO B 256 -3.30 -14.40 -6.10
C PRO B 256 -3.60 -13.26 -7.08
N PHE B 257 -3.48 -12.03 -6.59
CA PHE B 257 -3.52 -10.82 -7.44
C PHE B 257 -2.08 -10.34 -7.72
N LEU B 258 -1.49 -9.64 -6.76
CA LEU B 258 -0.05 -9.19 -6.81
C LEU B 258 0.83 -10.35 -6.41
N THR B 259 1.95 -10.50 -7.08
CA THR B 259 2.83 -11.66 -6.82
C THR B 259 4.23 -11.19 -6.50
N GLY B 260 4.97 -12.08 -5.86
CA GLY B 260 6.31 -11.72 -5.38
C GLY B 260 6.71 -12.58 -4.22
N GLY B 261 7.63 -12.07 -3.44
CA GLY B 261 8.07 -12.71 -2.20
C GLY B 261 6.98 -12.72 -1.16
N SER B 262 7.09 -13.70 -0.28
CA SER B 262 6.28 -13.97 0.95
C SER B 262 4.95 -14.59 0.56
N MET B 263 4.48 -14.41 -0.68
CA MET B 263 3.16 -15.02 -1.01
C MET B 263 3.32 -16.37 -1.71
N ILE B 264 4.56 -16.84 -1.86
CA ILE B 264 4.86 -18.12 -2.58
C ILE B 264 5.04 -19.25 -1.57
N GLU B 265 4.87 -20.51 -1.99
CA GLU B 265 5.32 -21.70 -1.20
CA GLU B 265 5.31 -21.71 -1.22
C GLU B 265 6.46 -22.41 -1.94
N THR B 266 6.45 -22.47 -3.28
CA THR B 266 7.64 -22.98 -4.05
C THR B 266 7.90 -22.02 -5.21
N VAL B 267 9.12 -22.02 -5.74
CA VAL B 267 9.58 -21.11 -6.84
CA VAL B 267 9.48 -21.20 -6.92
C VAL B 267 10.70 -21.79 -7.62
N THR B 268 10.61 -21.79 -8.93
CA THR B 268 11.69 -22.13 -9.89
C THR B 268 11.66 -21.01 -10.91
N MET B 269 12.56 -20.99 -11.88
CA MET B 269 12.53 -19.92 -12.92
C MET B 269 11.24 -20.07 -13.76
N GLU B 270 10.72 -21.29 -13.81
CA GLU B 270 9.62 -21.76 -14.70
C GLU B 270 8.25 -21.38 -14.11
N GLY B 271 8.11 -21.41 -12.80
CA GLY B 271 6.79 -21.25 -12.19
C GLY B 271 6.89 -21.18 -10.69
N ALA B 272 5.74 -21.03 -10.05
CA ALA B 272 5.61 -20.92 -8.59
C ALA B 272 4.29 -21.56 -8.17
N THR B 273 4.21 -22.00 -6.92
CA THR B 273 2.93 -22.28 -6.25
C THR B 273 2.82 -21.29 -5.10
N TYR B 274 1.58 -21.04 -4.69
CA TYR B 274 1.25 -19.88 -3.82
C TYR B 274 0.88 -20.36 -2.41
N ALA B 275 1.18 -19.51 -1.44
CA ALA B 275 0.84 -19.70 -0.01
C ALA B 275 -0.66 -19.74 0.16
N PRO B 276 -1.17 -20.27 1.29
CA PRO B 276 -2.59 -20.15 1.60
C PRO B 276 -2.95 -18.69 1.95
N ALA B 277 -4.25 -18.37 1.96
CA ALA B 277 -4.76 -17.06 2.41
C ALA B 277 -4.51 -16.92 3.90
N PRO B 278 -4.34 -15.70 4.44
CA PRO B 278 -4.36 -14.48 3.64
C PRO B 278 -3.01 -14.13 3.01
N GLN B 279 -1.94 -14.82 3.41
CA GLN B 279 -0.56 -14.54 2.90
C GLN B 279 -0.51 -14.58 1.36
N ARG B 280 -1.31 -15.43 0.72
CA ARG B 280 -1.42 -15.47 -0.75
C ARG B 280 -1.62 -14.08 -1.36
N PHE B 281 -2.33 -13.16 -0.66
CA PHE B 281 -2.83 -11.88 -1.19
C PHE B 281 -1.93 -10.71 -0.79
N GLU B 282 -0.82 -10.99 -0.09
CA GLU B 282 0.11 -10.00 0.51
C GLU B 282 1.50 -10.25 -0.08
N ALA B 283 1.82 -9.49 -1.11
CA ALA B 283 3.06 -9.61 -1.90
C ALA B 283 4.01 -8.52 -1.38
N GLY B 284 5.23 -8.90 -0.99
CA GLY B 284 6.25 -7.93 -0.63
C GLY B 284 6.15 -7.52 0.82
N THR B 285 7.04 -6.65 1.29
CA THR B 285 7.08 -6.25 2.71
C THR B 285 5.75 -5.60 3.02
N PRO B 286 5.01 -6.05 4.05
CA PRO B 286 3.74 -5.39 4.39
C PRO B 286 3.91 -4.09 5.17
N MET B 287 2.79 -3.42 5.45
CA MET B 287 2.83 -2.13 6.14
C MET B 287 2.84 -2.37 7.66
N THR B 288 3.96 -2.91 8.18
CA THR B 288 4.05 -3.55 9.51
C THR B 288 3.62 -2.55 10.59
N SER B 289 4.29 -1.42 10.68
CA SER B 289 4.00 -0.40 11.72
C SER B 289 2.59 0.16 11.54
N GLN B 290 2.05 0.16 10.32
CA GLN B 290 0.66 0.65 10.08
C GLN B 290 -0.36 -0.38 10.57
N VAL B 291 -0.07 -1.69 10.56
CA VAL B 291 -0.94 -2.72 11.18
C VAL B 291 -0.98 -2.47 12.68
N VAL B 292 0.19 -2.17 13.26
CA VAL B 292 0.26 -1.87 14.71
C VAL B 292 -0.62 -0.67 15.02
N GLY B 293 -0.47 0.40 14.26
CA GLY B 293 -1.32 1.59 14.44
C GLY B 293 -2.81 1.29 14.29
N LEU B 294 -3.18 0.60 13.23
CA LEU B 294 -4.63 0.38 12.95
C LEU B 294 -5.22 -0.50 14.07
N ALA B 295 -4.47 -1.48 14.54
CA ALA B 295 -4.89 -2.33 15.66
C ALA B 295 -5.19 -1.42 16.85
N ALA B 296 -4.29 -0.47 17.14
CA ALA B 296 -4.46 0.48 18.25
C ALA B 296 -5.73 1.31 18.00
N ALA B 297 -6.01 1.71 16.76
CA ALA B 297 -7.25 2.44 16.41
C ALA B 297 -8.50 1.59 16.70
N ALA B 298 -8.46 0.31 16.34
CA ALA B 298 -9.58 -0.64 16.57
C ALA B 298 -9.79 -0.81 18.08
N ARG B 299 -8.71 -0.91 18.84
CA ARG B 299 -8.81 -1.09 20.31
C ARG B 299 -9.39 0.19 20.91
N TYR B 300 -8.95 1.37 20.44
CA TYR B 300 -9.42 2.69 20.90
C TYR B 300 -10.93 2.82 20.68
N LEU B 301 -11.39 2.55 19.46
CA LEU B 301 -12.84 2.62 19.13
C LEU B 301 -13.61 1.56 19.93
N GLY B 302 -13.09 0.34 20.02
CA GLY B 302 -13.68 -0.75 20.81
C GLY B 302 -13.93 -0.33 22.26
N ALA B 303 -12.99 0.40 22.85
CA ALA B 303 -13.03 0.84 24.27
C ALA B 303 -14.11 1.91 24.42
N ILE B 304 -14.29 2.82 23.46
CA ILE B 304 -15.40 3.81 23.52
C ILE B 304 -16.72 3.06 23.36
N GLY B 305 -16.77 2.19 22.36
CA GLY B 305 -17.96 1.36 22.05
C GLY B 305 -18.62 1.92 20.81
N MET B 306 -18.75 1.11 19.78
CA MET B 306 -19.23 1.62 18.47
C MET B 306 -20.72 2.00 18.53
N ALA B 307 -21.51 1.38 19.40
CA ALA B 307 -22.90 1.84 19.60
C ALA B 307 -22.89 3.30 20.12
N ALA B 308 -21.98 3.63 21.04
CA ALA B 308 -21.88 4.96 21.66
C ALA B 308 -21.36 5.94 20.60
N VAL B 309 -20.45 5.48 19.77
CA VAL B 309 -19.92 6.29 18.65
C VAL B 309 -21.07 6.66 17.72
N GLU B 310 -21.83 5.67 17.30
CA GLU B 310 -22.96 5.86 16.34
C GLU B 310 -23.98 6.82 16.95
N ALA B 311 -24.32 6.64 18.22
CA ALA B 311 -25.34 7.47 18.92
C ALA B 311 -24.86 8.92 18.96
N HIS B 312 -23.60 9.14 19.26
CA HIS B 312 -23.03 10.49 19.28
C HIS B 312 -23.06 11.11 17.89
N GLU B 313 -22.60 10.36 16.87
CA GLU B 313 -22.54 10.91 15.50
C GLU B 313 -23.96 11.22 15.03
N ARG B 314 -24.92 10.37 15.38
CA ARG B 314 -26.33 10.56 14.94
C ARG B 314 -26.90 11.84 15.58
N GLU B 315 -26.50 12.19 16.81
CA GLU B 315 -26.93 13.47 17.43
C GLU B 315 -26.37 14.66 16.65
N LEU B 316 -25.12 14.60 16.23
CA LEU B 316 -24.49 15.70 15.47
C LEU B 316 -25.17 15.83 14.12
N VAL B 317 -25.37 14.70 13.45
CA VAL B 317 -26.03 14.65 12.13
C VAL B 317 -27.43 15.28 12.24
N ALA B 318 -28.25 14.85 13.20
CA ALA B 318 -29.62 15.39 13.36
C ALA B 318 -29.56 16.91 13.60
N ALA B 319 -28.66 17.40 14.45
CA ALA B 319 -28.54 18.86 14.73
C ALA B 319 -28.09 19.56 13.45
N ALA B 320 -27.16 18.99 12.69
CA ALA B 320 -26.71 19.58 11.41
C ALA B 320 -27.89 19.69 10.44
N ILE B 321 -28.67 18.64 10.29
CA ILE B 321 -29.84 18.65 9.35
C ILE B 321 -30.82 19.74 9.83
N GLU B 322 -31.13 19.76 11.11
CA GLU B 322 -32.06 20.77 11.66
C GLU B 322 -31.56 22.18 11.37
N GLY B 323 -30.31 22.49 11.75
CA GLY B 323 -29.70 23.82 11.57
C GLY B 323 -29.61 24.21 10.09
N LEU B 324 -29.11 23.34 9.20
CA LEU B 324 -29.01 23.70 7.76
C LEU B 324 -30.39 23.84 7.10
N SER B 325 -31.33 22.97 7.45
CA SER B 325 -32.74 23.00 6.96
C SER B 325 -33.41 24.33 7.25
N GLY B 326 -33.02 24.99 8.34
CA GLY B 326 -33.58 26.26 8.79
C GLY B 326 -33.04 27.45 8.01
N ILE B 327 -32.03 27.23 7.16
CA ILE B 327 -31.49 28.32 6.30
C ILE B 327 -32.29 28.32 4.99
N ASP B 328 -32.82 29.49 4.60
CA ASP B 328 -33.53 29.64 3.31
C ASP B 328 -32.57 29.19 2.19
N GLY B 329 -33.08 28.37 1.28
CA GLY B 329 -32.38 27.98 0.03
C GLY B 329 -31.29 26.94 0.26
N VAL B 330 -31.19 26.39 1.47
CA VAL B 330 -30.28 25.23 1.71
C VAL B 330 -31.07 23.92 1.55
N ARG B 331 -30.56 22.99 0.76
CA ARG B 331 -31.18 21.65 0.61
CA ARG B 331 -31.18 21.64 0.59
C ARG B 331 -30.12 20.57 0.87
N ILE B 332 -30.54 19.47 1.45
CA ILE B 332 -29.69 18.29 1.78
C ILE B 332 -29.76 17.32 0.61
N LEU B 333 -28.61 16.81 0.20
CA LEU B 333 -28.48 15.66 -0.70
C LEU B 333 -28.47 14.39 0.15
N GLY B 334 -29.57 13.65 0.18
CA GLY B 334 -29.78 12.56 1.13
C GLY B 334 -30.97 12.82 2.04
N PRO B 335 -31.30 11.89 2.94
CA PRO B 335 -32.51 12.02 3.77
C PRO B 335 -32.42 13.24 4.68
N THR B 336 -33.56 13.89 4.90
CA THR B 336 -33.69 14.94 5.96
C THR B 336 -34.16 14.30 7.27
N SER B 337 -34.58 13.03 7.26
CA SER B 337 -34.84 12.26 8.50
C SER B 337 -33.59 11.54 8.93
N MET B 338 -33.67 10.89 10.09
CA MET B 338 -32.57 10.05 10.65
C MET B 338 -32.85 8.57 10.42
N ARG B 339 -33.82 8.22 9.57
CA ARG B 339 -34.15 6.82 9.32
C ARG B 339 -33.01 6.23 8.51
N ASP B 340 -32.36 5.20 9.05
CA ASP B 340 -31.31 4.42 8.33
C ASP B 340 -30.34 5.44 7.73
N ARG B 341 -29.82 6.31 8.58
CA ARG B 341 -28.93 7.41 8.14
C ARG B 341 -27.91 7.72 9.21
N GLY B 342 -26.71 8.07 8.75
CA GLY B 342 -25.67 8.58 9.64
C GLY B 342 -24.94 9.74 8.99
N SER B 343 -23.66 9.90 9.35
CA SER B 343 -22.74 10.86 8.70
C SER B 343 -22.58 10.42 7.25
N PRO B 344 -22.40 11.33 6.29
CA PRO B 344 -22.30 12.77 6.50
C PRO B 344 -23.53 13.53 6.04
N VAL B 345 -23.44 14.85 6.12
CA VAL B 345 -24.48 15.76 5.60
C VAL B 345 -23.88 16.56 4.47
N ALA B 346 -24.35 16.31 3.25
CA ALA B 346 -23.97 17.04 2.02
C ALA B 346 -25.15 17.96 1.66
N PHE B 347 -24.85 19.17 1.22
CA PHE B 347 -25.91 20.16 1.01
C PHE B 347 -25.47 21.12 -0.06
N VAL B 348 -26.52 21.75 -0.61
CA VAL B 348 -26.49 22.81 -1.65
CA VAL B 348 -26.45 22.81 -1.64
C VAL B 348 -26.98 24.10 -1.00
N VAL B 349 -26.35 25.22 -1.31
CA VAL B 349 -26.82 26.56 -0.92
C VAL B 349 -27.29 27.23 -2.21
N GLU B 350 -28.59 27.43 -2.39
CA GLU B 350 -29.11 28.08 -3.62
C GLU B 350 -28.41 29.42 -3.82
N GLY B 351 -27.85 29.64 -5.00
CA GLY B 351 -27.21 30.93 -5.34
C GLY B 351 -25.79 31.06 -4.82
N VAL B 352 -25.23 30.05 -4.14
CA VAL B 352 -23.82 30.12 -3.66
C VAL B 352 -23.14 28.81 -4.02
N HIS B 353 -22.10 28.90 -4.84
CA HIS B 353 -21.31 27.73 -5.29
C HIS B 353 -20.65 27.06 -4.07
N ALA B 354 -20.57 25.75 -4.09
CA ALA B 354 -19.96 24.96 -2.97
C ALA B 354 -18.54 25.49 -2.67
N HIS B 355 -17.76 25.91 -3.68
CA HIS B 355 -16.36 26.38 -3.47
C HIS B 355 -16.39 27.58 -2.53
N ASP B 356 -17.39 28.46 -2.73
CA ASP B 356 -17.58 29.70 -1.94
C ASP B 356 -18.10 29.36 -0.54
N VAL B 357 -19.07 28.47 -0.45
CA VAL B 357 -19.59 28.03 0.88
C VAL B 357 -18.39 27.49 1.68
N GLY B 358 -17.55 26.65 1.04
CA GLY B 358 -16.44 26.01 1.77
C GLY B 358 -15.38 26.99 2.19
N GLN B 359 -15.16 28.03 1.40
CA GLN B 359 -14.14 29.08 1.69
C GLN B 359 -14.60 29.91 2.89
N VAL B 360 -15.90 30.20 2.97
CA VAL B 360 -16.47 30.98 4.09
C VAL B 360 -16.37 30.17 5.38
N LEU B 361 -16.72 28.89 5.32
CA LEU B 361 -16.58 27.98 6.49
C LEU B 361 -15.13 27.92 6.95
N ASP B 362 -14.20 27.71 6.01
CA ASP B 362 -12.76 27.58 6.30
C ASP B 362 -12.27 28.88 6.97
N ASP B 363 -12.77 30.04 6.56
CA ASP B 363 -12.40 31.36 7.18
C ASP B 363 -12.74 31.35 8.68
N GLY B 364 -13.81 30.66 9.06
CA GLY B 364 -14.20 30.42 10.47
C GLY B 364 -13.49 29.25 11.13
N GLY B 365 -12.56 28.58 10.44
CA GLY B 365 -11.83 27.43 10.96
C GLY B 365 -12.54 26.10 10.77
N VAL B 366 -13.68 26.09 10.09
CA VAL B 366 -14.53 24.89 9.88
C VAL B 366 -14.12 24.24 8.53
N ALA B 367 -13.63 23.01 8.61
CA ALA B 367 -13.14 22.26 7.42
C ALA B 367 -14.25 21.33 6.94
N VAL B 368 -14.77 21.58 5.74
CA VAL B 368 -15.77 20.71 5.06
C VAL B 368 -15.17 20.37 3.71
N ARG B 369 -15.64 19.29 3.10
CA ARG B 369 -15.18 18.94 1.74
C ARG B 369 -16.13 19.63 0.76
N VAL B 370 -15.60 20.15 -0.34
CA VAL B 370 -16.43 20.67 -1.43
C VAL B 370 -16.08 19.95 -2.73
N GLY B 371 -17.10 19.59 -3.50
CA GLY B 371 -16.89 18.89 -4.77
C GLY B 371 -17.91 17.79 -4.92
N HIS B 372 -17.51 16.68 -5.53
CA HIS B 372 -18.41 15.53 -5.77
C HIS B 372 -18.16 14.42 -4.76
N HIS B 373 -17.17 14.54 -3.90
CA HIS B 373 -16.87 13.55 -2.83
C HIS B 373 -16.54 12.19 -3.46
N CYS B 374 -15.99 12.07 -4.63
CA CYS B 374 -15.57 10.86 -5.33
C CYS B 374 -16.92 10.12 -5.66
N ALA B 375 -18.04 10.80 -5.88
CA ALA B 375 -19.36 10.19 -6.24
C ALA B 375 -20.06 11.11 -7.24
N LEU B 376 -19.44 11.24 -8.41
CA LEU B 376 -19.92 12.15 -9.48
C LEU B 376 -21.22 11.61 -10.09
N PRO B 377 -21.39 10.30 -10.38
CA PRO B 377 -22.65 9.81 -10.95
C PRO B 377 -23.82 10.19 -10.03
N LEU B 378 -23.57 10.16 -8.73
CA LEU B 378 -24.63 10.50 -7.74
C LEU B 378 -25.01 11.97 -7.91
N HIS B 379 -24.02 12.87 -7.91
CA HIS B 379 -24.23 14.34 -8.11
C HIS B 379 -24.95 14.58 -9.44
N ARG B 380 -24.45 14.03 -10.53
CA ARG B 380 -25.07 14.18 -11.87
C ARG B 380 -26.52 13.71 -11.84
N ARG B 381 -26.85 12.66 -11.11
CA ARG B 381 -28.24 12.11 -11.02
C ARG B 381 -29.16 13.18 -10.42
N PHE B 382 -28.64 14.04 -9.55
CA PHE B 382 -29.41 15.12 -8.88
C PHE B 382 -29.17 16.45 -9.58
N GLY B 383 -28.47 16.46 -10.70
CA GLY B 383 -28.19 17.68 -11.51
C GLY B 383 -27.26 18.63 -10.80
N LEU B 384 -26.35 18.12 -9.96
CA LEU B 384 -25.46 18.97 -9.13
C LEU B 384 -24.03 18.80 -9.61
N ALA B 385 -23.29 19.90 -9.69
CA ALA B 385 -21.87 19.90 -10.07
C ALA B 385 -21.02 19.75 -8.81
N ALA B 386 -21.54 20.13 -7.63
CA ALA B 386 -20.78 19.97 -6.36
C ALA B 386 -21.69 20.15 -5.16
N THR B 387 -21.31 19.60 -4.02
CA THR B 387 -21.97 19.88 -2.71
C THR B 387 -20.90 20.25 -1.70
N ALA B 388 -21.32 20.83 -0.58
CA ALA B 388 -20.47 20.94 0.63
C ALA B 388 -20.84 19.76 1.52
N ARG B 389 -19.84 19.18 2.19
CA ARG B 389 -20.05 17.94 2.96
C ARG B 389 -19.44 18.09 4.35
N ALA B 390 -20.31 18.06 5.36
CA ALA B 390 -19.94 18.01 6.80
C ALA B 390 -20.02 16.57 7.25
N SER B 391 -18.86 15.97 7.49
CA SER B 391 -18.78 14.59 8.04
C SER B 391 -18.39 14.68 9.50
N PHE B 392 -18.79 13.68 10.28
CA PHE B 392 -18.65 13.70 11.75
C PHE B 392 -17.87 12.49 12.24
N ALA B 393 -17.13 12.73 13.31
CA ALA B 393 -16.35 11.71 14.02
C ALA B 393 -16.70 11.78 15.50
N VAL B 394 -16.18 10.82 16.25
CA VAL B 394 -16.46 10.71 17.71
C VAL B 394 -15.97 11.97 18.42
N TYR B 395 -14.95 12.66 17.90
CA TYR B 395 -14.30 13.84 18.53
C TYR B 395 -15.05 15.13 18.24
N ASN B 396 -16.10 15.14 17.42
CA ASN B 396 -16.76 16.40 17.03
C ASN B 396 -17.86 16.73 18.06
N THR B 397 -18.36 17.97 18.04
CA THR B 397 -19.25 18.49 19.11
C THR B 397 -20.46 19.20 18.51
N ALA B 398 -21.51 19.34 19.31
CA ALA B 398 -22.70 20.15 18.95
C ALA B 398 -22.27 21.61 18.75
N ASP B 399 -21.31 22.13 19.52
CA ASP B 399 -20.85 23.52 19.32
C ASP B 399 -20.21 23.70 17.92
N GLU B 400 -19.55 22.67 17.41
CA GLU B 400 -18.94 22.70 16.03
C GLU B 400 -20.04 22.67 14.98
N VAL B 401 -21.12 21.97 15.28
CA VAL B 401 -22.29 21.95 14.33
C VAL B 401 -22.86 23.38 14.28
N ASP B 402 -22.90 24.10 15.41
CA ASP B 402 -23.45 25.47 15.44
C ASP B 402 -22.57 26.38 14.56
N ARG B 403 -21.26 26.18 14.61
CA ARG B 403 -20.29 26.93 13.81
C ARG B 403 -20.50 26.60 12.33
N LEU B 404 -20.80 25.35 12.00
CA LEU B 404 -21.08 24.95 10.60
C LEU B 404 -22.29 25.75 10.09
N VAL B 405 -23.36 25.75 10.88
CA VAL B 405 -24.65 26.41 10.49
C VAL B 405 -24.41 27.93 10.36
N ALA B 406 -23.77 28.55 11.35
CA ALA B 406 -23.40 29.99 11.29
C ALA B 406 -22.60 30.31 10.02
N GLY B 407 -21.60 29.49 9.66
CA GLY B 407 -20.76 29.71 8.47
C GLY B 407 -21.55 29.61 7.18
N VAL B 408 -22.49 28.68 7.10
CA VAL B 408 -23.36 28.60 5.90
C VAL B 408 -24.26 29.83 5.86
N ARG B 409 -24.83 30.27 6.97
CA ARG B 409 -25.66 31.50 7.00
CA ARG B 409 -25.64 31.51 7.01
CA ARG B 409 -25.66 31.50 7.00
C ARG B 409 -24.78 32.68 6.54
N ARG B 410 -23.57 32.77 7.06
CA ARG B 410 -22.63 33.85 6.70
C ARG B 410 -22.39 33.83 5.18
N SER B 411 -22.18 32.66 4.59
CA SER B 411 -21.89 32.55 3.13
C SER B 411 -23.06 33.13 2.32
N ARG B 412 -24.31 32.91 2.73
CA ARG B 412 -25.50 33.56 2.08
C ARG B 412 -25.43 35.10 2.20
N HIS B 413 -25.12 35.64 3.38
CA HIS B 413 -25.00 37.11 3.62
C HIS B 413 -23.84 37.66 2.79
N PHE B 414 -22.66 37.03 2.88
CA PHE B 414 -21.42 37.53 2.24
C PHE B 414 -21.60 37.62 0.71
N PHE B 415 -22.33 36.70 0.09
CA PHE B 415 -22.47 36.62 -1.39
C PHE B 415 -23.76 37.33 -1.83
N GLY B 416 -24.42 38.03 -0.91
CA GLY B 416 -25.51 38.98 -1.20
C GLY B 416 -26.81 38.28 -1.51
N ARG B 417 -26.97 37.00 -1.13
CA ARG B 417 -28.21 36.18 -1.32
C ARG B 417 -29.27 36.53 -0.26
N ALA B 418 -28.85 36.92 0.94
CA ALA B 418 -29.71 37.48 2.02
C ALA B 418 -28.90 37.60 3.32
N LEU C 7 23.70 -20.68 30.53
CA LEU C 7 23.97 -20.38 29.10
C LEU C 7 22.69 -20.61 28.28
N ARG C 8 22.17 -19.53 27.68
CA ARG C 8 20.87 -19.53 26.95
C ARG C 8 20.93 -20.52 25.79
N LEU C 9 22.09 -20.61 25.12
CA LEU C 9 22.26 -21.44 23.90
C LEU C 9 22.08 -22.91 24.23
N GLU C 10 22.61 -23.36 25.37
CA GLU C 10 22.53 -24.75 25.88
C GLU C 10 21.07 -25.11 26.22
N GLN C 11 20.29 -24.14 26.71
CA GLN C 11 18.88 -24.31 27.14
C GLN C 11 17.99 -24.61 25.92
N ILE C 12 18.26 -24.02 24.75
CA ILE C 12 17.53 -24.36 23.50
C ILE C 12 18.16 -25.63 22.94
N TYR C 13 19.47 -25.65 22.76
CA TYR C 13 20.21 -26.79 22.16
C TYR C 13 20.62 -27.77 23.26
N GLN C 14 19.63 -28.51 23.77
CA GLN C 14 19.84 -29.54 24.83
CA GLN C 14 19.81 -29.56 24.81
C GLN C 14 20.57 -30.75 24.21
N ASP C 15 21.16 -31.57 25.07
CA ASP C 15 22.03 -32.72 24.65
C ASP C 15 21.23 -33.65 23.74
N VAL C 16 19.99 -33.97 24.12
CA VAL C 16 19.13 -34.90 23.34
C VAL C 16 19.08 -34.41 21.89
N ILE C 17 18.97 -33.10 21.70
CA ILE C 17 18.79 -32.49 20.34
C ILE C 17 20.09 -32.68 19.54
N LEU C 18 21.23 -32.37 20.15
CA LEU C 18 22.56 -32.47 19.47
C LEU C 18 22.86 -33.94 19.17
N ASP C 19 22.40 -34.84 20.05
CA ASP C 19 22.60 -36.31 19.93
CA ASP C 19 22.59 -36.31 19.94
C ASP C 19 21.77 -36.85 18.76
N HIS C 20 20.48 -36.57 18.73
CA HIS C 20 19.61 -37.04 17.63
C HIS C 20 20.06 -36.39 16.32
N TYR C 21 20.54 -35.15 16.39
CA TYR C 21 21.00 -34.42 15.18
C TYR C 21 22.21 -35.19 14.61
N LYS C 22 23.15 -35.52 15.50
CA LYS C 22 24.43 -36.17 15.15
C LYS C 22 24.18 -37.65 14.83
N HIS C 23 23.24 -38.30 15.53
CA HIS C 23 22.93 -39.74 15.34
C HIS C 23 21.42 -39.92 15.20
N PRO C 24 20.83 -39.56 14.04
CA PRO C 24 19.39 -39.65 13.85
C PRO C 24 18.91 -41.11 13.71
N GLN C 25 17.67 -41.36 14.14
CA GLN C 25 17.06 -42.72 14.23
C GLN C 25 16.00 -42.87 13.15
N HIS C 26 15.91 -44.07 12.55
CA HIS C 26 14.85 -44.49 11.60
C HIS C 26 14.91 -43.63 10.34
N ARG C 27 16.04 -42.97 10.08
CA ARG C 27 16.36 -42.22 8.83
C ARG C 27 16.29 -43.15 7.62
N GLY C 28 15.91 -42.63 6.46
CA GLY C 28 15.93 -43.36 5.18
C GLY C 28 14.59 -43.99 4.90
N LEU C 29 13.94 -43.58 3.81
CA LEU C 29 12.59 -44.02 3.37
C LEU C 29 12.59 -45.55 3.20
N ARG C 30 11.56 -46.22 3.73
CA ARG C 30 11.45 -47.71 3.72
C ARG C 30 10.10 -48.13 3.17
N GLU C 31 10.04 -49.39 2.72
CA GLU C 31 8.79 -50.11 2.36
C GLU C 31 8.61 -51.21 3.40
N PRO C 32 7.35 -51.61 3.71
CA PRO C 32 6.16 -50.97 3.15
C PRO C 32 5.76 -49.68 3.89
N PHE C 33 4.78 -48.97 3.33
CA PHE C 33 4.26 -47.68 3.84
C PHE C 33 2.85 -47.47 3.29
N GLY C 34 2.02 -46.71 4.02
CA GLY C 34 0.61 -46.47 3.65
C GLY C 34 0.40 -45.08 3.08
N ALA C 35 1.19 -44.10 3.53
CA ALA C 35 1.15 -42.71 3.02
C ALA C 35 2.57 -42.19 2.88
N GLN C 36 2.77 -41.25 1.95
CA GLN C 36 4.04 -40.48 1.81
C GLN C 36 3.66 -39.00 1.77
N VAL C 37 4.37 -38.18 2.53
CA VAL C 37 4.17 -36.71 2.48
C VAL C 37 5.52 -36.04 2.23
N TYR C 38 5.46 -34.79 1.80
CA TYR C 38 6.61 -33.87 1.66
C TYR C 38 6.20 -32.55 2.30
N HIS C 39 6.90 -32.15 3.37
CA HIS C 39 6.67 -30.87 4.08
C HIS C 39 7.95 -30.02 4.00
N VAL C 40 7.79 -28.70 3.97
CA VAL C 40 8.89 -27.69 3.90
C VAL C 40 8.65 -26.65 5.01
N ASN C 41 9.68 -26.36 5.80
CA ASN C 41 9.65 -25.34 6.89
C ASN C 41 9.50 -23.97 6.22
N PRO C 42 8.52 -23.14 6.63
CA PRO C 42 8.37 -21.81 6.05
C PRO C 42 9.68 -21.01 6.22
N ILE C 43 10.38 -21.27 7.32
CA ILE C 43 11.77 -20.79 7.59
C ILE C 43 12.70 -21.52 6.61
S2 TSY C 44 12.75 -16.38 5.07
S2 TSY C 44 15.28 -15.75 4.09
S1 TSY C 44 13.69 -17.59 3.60
S1 TSY C 44 13.73 -16.74 5.11
SG TSY C 44 12.27 -19.17 3.36
SG TSY C 44 13.10 -18.43 3.99
CB TSY C 44 13.31 -20.63 3.08
CB TSY C 44 14.18 -19.91 3.85
CA TSY C 44 13.28 -21.64 4.22
CA TSY C 44 13.53 -21.26 4.21
N TSY C 44 12.72 -21.05 5.41
C TSY C 44 14.64 -22.30 4.50
O TSY C 44 15.62 -21.79 5.19
N GLY C 45 14.75 -23.58 4.48
CA GLY C 45 16.04 -24.36 4.68
C GLY C 45 15.84 -25.78 5.22
N ASP C 46 14.63 -26.12 5.69
CA ASP C 46 14.29 -27.45 6.28
C ASP C 46 13.18 -28.13 5.46
N GLU C 47 13.34 -29.42 5.19
CA GLU C 47 12.40 -30.21 4.36
C GLU C 47 12.43 -31.66 4.85
N VAL C 48 11.30 -32.37 4.71
CA VAL C 48 11.19 -33.80 5.11
C VAL C 48 10.26 -34.50 4.12
N THR C 49 10.67 -35.69 3.70
CA THR C 49 9.81 -36.69 3.02
C THR C 49 9.53 -37.77 4.05
N LEU C 50 8.27 -38.01 4.42
CA LEU C 50 7.97 -38.89 5.57
C LEU C 50 6.88 -39.88 5.19
N ARG C 51 7.12 -41.14 5.53
CA ARG C 51 6.18 -42.27 5.33
C ARG C 51 5.69 -42.79 6.67
N VAL C 52 4.45 -43.27 6.69
CA VAL C 52 3.85 -43.98 7.85
C VAL C 52 3.40 -45.34 7.35
N ALA C 53 3.81 -46.41 8.04
CA ALA C 53 3.26 -47.78 7.85
C ALA C 53 2.38 -48.12 9.07
N LEU C 54 1.22 -48.71 8.83
CA LEU C 54 0.29 -49.20 9.89
C LEU C 54 0.33 -50.73 9.96
N SER C 55 -0.06 -51.27 11.12
CA SER C 55 -0.16 -52.74 11.37
C SER C 55 -1.20 -53.32 10.41
N GLU C 56 -1.21 -54.64 10.25
CA GLU C 56 -2.23 -55.35 9.43
C GLU C 56 -3.66 -54.91 9.81
N ASP C 57 -3.95 -54.67 11.10
CA ASP C 57 -5.34 -54.34 11.55
C ASP C 57 -5.54 -52.81 11.57
N GLY C 58 -4.51 -52.03 11.21
CA GLY C 58 -4.64 -50.57 11.09
C GLY C 58 -4.63 -49.85 12.43
N THR C 59 -4.41 -50.56 13.54
CA THR C 59 -4.58 -49.98 14.90
C THR C 59 -3.25 -49.39 15.44
N ARG C 60 -2.11 -49.79 14.89
CA ARG C 60 -0.78 -49.35 15.41
C ARG C 60 0.08 -48.81 14.29
N VAL C 61 0.90 -47.83 14.62
CA VAL C 61 2.00 -47.34 13.73
C VAL C 61 3.10 -48.39 13.79
N THR C 62 3.44 -49.05 12.68
CA THR C 62 4.55 -50.05 12.68
C THR C 62 5.85 -49.41 12.18
N ASP C 63 5.79 -48.34 11.40
CA ASP C 63 7.05 -47.69 10.94
C ASP C 63 6.79 -46.22 10.62
N VAL C 64 7.82 -45.41 10.86
CA VAL C 64 7.91 -44.02 10.34
C VAL C 64 9.31 -43.92 9.71
N SER C 65 9.35 -43.77 8.39
CA SER C 65 10.60 -43.68 7.60
C SER C 65 10.68 -42.29 7.00
N TYR C 66 11.88 -41.73 6.87
CA TYR C 66 12.02 -40.34 6.35
C TYR C 66 13.42 -40.07 5.82
N ASP C 67 13.50 -39.03 5.01
CA ASP C 67 14.75 -38.44 4.48
CA ASP C 67 14.76 -38.43 4.51
C ASP C 67 14.52 -36.94 4.37
N GLY C 68 15.53 -36.20 3.92
CA GLY C 68 15.48 -34.74 3.79
C GLY C 68 16.61 -34.12 4.56
N GLN C 69 16.51 -32.83 4.82
CA GLN C 69 17.67 -31.98 5.14
C GLN C 69 17.15 -30.81 5.96
N GLY C 70 17.91 -30.40 6.97
CA GLY C 70 17.50 -29.24 7.77
C GLY C 70 18.46 -29.02 8.90
N CYS C 71 18.08 -28.11 9.78
CA CYS C 71 18.88 -27.67 10.94
C CYS C 71 18.84 -28.73 12.04
N SER C 72 19.66 -28.52 13.07
CA SER C 72 19.79 -29.41 14.24
C SER C 72 18.38 -29.67 14.80
N ILE C 73 17.57 -28.63 14.93
CA ILE C 73 16.23 -28.73 15.59
C ILE C 73 15.24 -29.52 14.73
N SER C 74 15.14 -29.25 13.43
CA SER C 74 14.16 -29.95 12.55
C SER C 74 14.53 -31.43 12.46
N GLN C 75 15.82 -31.75 12.35
CA GLN C 75 16.27 -33.15 12.12
C GLN C 75 16.20 -33.91 13.45
N ALA C 76 16.63 -33.32 14.56
CA ALA C 76 16.55 -33.96 15.89
C ALA C 76 15.09 -34.28 16.22
N ALA C 77 14.17 -33.33 16.00
CA ALA C 77 12.74 -33.50 16.35
C ALA C 77 12.13 -34.68 15.58
N THR C 78 12.50 -34.87 14.31
CA THR C 78 11.92 -35.95 13.48
C THR C 78 12.45 -37.29 14.03
N SER C 79 13.72 -37.33 14.41
CA SER C 79 14.37 -38.53 15.00
C SER C 79 13.64 -38.92 16.30
N VAL C 80 13.45 -37.95 17.19
CA VAL C 80 12.74 -38.13 18.50
C VAL C 80 11.29 -38.58 18.20
N LEU C 81 10.62 -37.95 17.24
CA LEU C 81 9.23 -38.33 16.84
C LEU C 81 9.17 -39.85 16.60
N THR C 82 10.09 -40.38 15.79
CA THR C 82 10.06 -41.80 15.35
C THR C 82 10.19 -42.70 16.59
N GLU C 83 11.07 -42.34 17.53
CA GLU C 83 11.26 -43.13 18.77
C GLU C 83 9.97 -43.10 19.60
N GLN C 84 9.20 -42.01 19.56
CA GLN C 84 8.01 -41.89 20.45
C GLN C 84 6.80 -42.60 19.86
N VAL C 85 6.67 -42.70 18.54
CA VAL C 85 5.37 -43.15 17.95
C VAL C 85 5.44 -44.55 17.33
N ILE C 86 6.63 -45.04 16.98
N ILE C 86 6.62 -45.06 16.95
CA ILE C 86 6.84 -46.41 16.42
CA ILE C 86 6.69 -46.39 16.26
C ILE C 86 6.24 -47.41 17.41
C ILE C 86 6.34 -47.47 17.28
N GLY C 87 5.31 -48.27 16.98
CA GLY C 87 4.81 -49.36 17.86
C GLY C 87 3.57 -48.95 18.63
N GLN C 88 3.22 -47.67 18.60
CA GLN C 88 2.13 -47.10 19.44
C GLN C 88 0.79 -47.21 18.70
N ARG C 89 -0.31 -47.35 19.47
CA ARG C 89 -1.69 -47.28 18.91
C ARG C 89 -1.86 -45.92 18.21
N VAL C 90 -2.51 -45.90 17.05
CA VAL C 90 -2.76 -44.68 16.23
C VAL C 90 -3.26 -43.55 17.12
N PRO C 91 -4.36 -43.73 17.88
CA PRO C 91 -4.79 -42.70 18.83
C PRO C 91 -3.74 -42.27 19.87
N ARG C 92 -2.93 -43.20 20.39
CA ARG C 92 -1.84 -42.86 21.35
C ARG C 92 -0.76 -42.02 20.64
N ALA C 93 -0.37 -42.36 19.42
CA ALA C 93 0.54 -41.56 18.56
C ALA C 93 -0.03 -40.14 18.37
N LEU C 94 -1.33 -40.04 18.10
CA LEU C 94 -2.06 -38.75 17.90
C LEU C 94 -2.00 -37.89 19.18
N ASN C 95 -2.24 -38.50 20.35
CA ASN C 95 -2.20 -37.83 21.67
C ASN C 95 -0.78 -37.29 21.91
N ILE C 96 0.23 -38.08 21.56
CA ILE C 96 1.66 -37.72 21.78
C ILE C 96 1.98 -36.49 20.92
N VAL C 97 1.50 -36.45 19.67
CA VAL C 97 1.73 -35.31 18.74
C VAL C 97 1.08 -34.06 19.33
N ASP C 98 -0.10 -34.20 19.93
CA ASP C 98 -0.86 -33.04 20.47
C ASP C 98 -0.13 -32.49 21.70
N ALA C 99 0.39 -33.37 22.56
CA ALA C 99 1.20 -32.97 23.73
C ALA C 99 2.46 -32.23 23.23
N PHE C 100 3.09 -32.71 22.16
CA PHE C 100 4.35 -32.08 21.64
C PHE C 100 4.06 -30.68 21.12
N THR C 101 3.01 -30.55 20.31
CA THR C 101 2.58 -29.26 19.67
CA THR C 101 2.55 -29.27 19.69
C THR C 101 2.23 -28.25 20.77
N GLU C 102 1.49 -28.68 21.81
CA GLU C 102 1.07 -27.81 22.94
C GLU C 102 2.32 -27.32 23.70
N MET C 103 3.28 -28.20 23.97
CA MET C 103 4.55 -27.82 24.66
C MET C 103 5.32 -26.75 23.82
N VAL C 104 5.60 -27.03 22.54
CA VAL C 104 6.54 -26.18 21.72
C VAL C 104 5.82 -24.90 21.28
N SER C 105 4.49 -24.90 21.21
CA SER C 105 3.70 -23.70 20.84
C SER C 105 3.41 -22.83 22.05
N SER C 106 3.90 -23.18 23.25
CA SER C 106 3.42 -22.62 24.54
C SER C 106 4.18 -21.35 24.94
N ARG C 107 5.15 -20.92 24.13
CA ARG C 107 6.05 -19.78 24.44
C ARG C 107 6.72 -19.99 25.80
N GLY C 108 6.92 -21.25 26.21
CA GLY C 108 7.63 -21.58 27.46
C GLY C 108 6.73 -21.70 28.67
N THR C 109 5.40 -21.70 28.52
CA THR C 109 4.44 -21.83 29.66
C THR C 109 4.16 -23.31 29.95
N VAL C 110 4.42 -24.21 28.99
CA VAL C 110 4.21 -25.68 29.17
C VAL C 110 5.55 -26.38 29.05
N PRO C 111 6.05 -27.02 30.13
CA PRO C 111 7.33 -27.74 30.04
C PRO C 111 7.20 -29.11 29.33
N GLY C 112 5.98 -29.64 29.26
CA GLY C 112 5.67 -30.96 28.69
C GLY C 112 5.80 -32.04 29.75
N ASP C 113 5.10 -33.16 29.56
CA ASP C 113 5.09 -34.32 30.49
C ASP C 113 6.01 -35.40 29.91
N GLU C 114 7.16 -35.67 30.56
CA GLU C 114 8.16 -36.65 30.05
C GLU C 114 7.51 -38.04 29.97
N ASP C 115 6.43 -38.30 30.71
CA ASP C 115 5.73 -39.62 30.65
C ASP C 115 5.06 -39.81 29.28
N VAL C 116 4.57 -38.73 28.67
CA VAL C 116 3.86 -38.75 27.36
C VAL C 116 4.85 -38.54 26.22
N LEU C 117 5.86 -37.68 26.43
CA LEU C 117 6.73 -37.16 25.32
C LEU C 117 8.10 -37.84 25.31
N GLY C 118 8.50 -38.55 26.38
CA GLY C 118 9.88 -39.02 26.55
C GLY C 118 10.89 -37.93 26.21
N ASP C 119 11.83 -38.20 25.30
CA ASP C 119 12.91 -37.26 24.89
C ASP C 119 12.30 -36.02 24.21
N GLY C 120 11.05 -36.13 23.76
CA GLY C 120 10.21 -34.99 23.34
C GLY C 120 10.38 -33.81 24.26
N VAL C 121 10.49 -34.01 25.57
CA VAL C 121 10.54 -32.87 26.54
C VAL C 121 11.78 -32.01 26.27
N ALA C 122 12.85 -32.56 25.70
CA ALA C 122 14.09 -31.82 25.38
C ALA C 122 13.82 -30.61 24.46
N PHE C 123 12.67 -30.53 23.78
CA PHE C 123 12.32 -29.38 22.89
C PHE C 123 11.52 -28.30 23.61
N ALA C 124 11.32 -28.41 24.94
CA ALA C 124 10.66 -27.37 25.75
C ALA C 124 11.30 -25.98 25.56
N GLY C 125 12.64 -25.92 25.53
CA GLY C 125 13.43 -24.68 25.49
C GLY C 125 13.38 -24.01 24.13
N VAL C 126 12.79 -24.69 23.14
CA VAL C 126 12.54 -24.15 21.77
C VAL C 126 11.36 -23.15 21.82
N ALA C 127 10.40 -23.36 22.71
CA ALA C 127 9.08 -22.65 22.69
C ALA C 127 9.26 -21.13 22.78
N LYS C 128 10.24 -20.64 23.54
CA LYS C 128 10.44 -19.17 23.72
C LYS C 128 11.20 -18.56 22.53
N TYR C 129 11.51 -19.36 21.50
CA TYR C 129 12.08 -18.91 20.19
C TYR C 129 11.04 -19.23 19.12
N PRO C 130 9.96 -18.42 18.98
CA PRO C 130 8.83 -18.82 18.14
C PRO C 130 9.21 -19.14 16.70
N ALA C 131 10.25 -18.51 16.17
CA ALA C 131 10.72 -18.78 14.80
C ALA C 131 11.23 -20.22 14.72
N ARG C 132 11.92 -20.74 15.76
CA ARG C 132 12.48 -22.12 15.73
C ARG C 132 11.38 -23.18 15.99
N VAL C 133 10.20 -22.76 16.46
CA VAL C 133 9.07 -23.71 16.73
C VAL C 133 8.70 -24.43 15.42
N LYS C 134 8.79 -23.74 14.27
CA LYS C 134 8.43 -24.33 12.95
C LYS C 134 9.47 -25.39 12.58
N CYS C 135 10.73 -25.19 12.97
CA CYS C 135 11.81 -26.21 12.80
C CYS C 135 11.41 -27.50 13.54
N ALA C 136 11.02 -27.40 14.82
CA ALA C 136 10.67 -28.55 15.67
C ALA C 136 9.39 -29.20 15.14
N LEU C 137 8.44 -28.42 14.63
CA LEU C 137 7.10 -28.96 14.23
C LEU C 137 7.17 -29.63 12.87
N LEU C 138 8.20 -29.35 12.08
CA LEU C 138 8.27 -29.86 10.68
C LEU C 138 7.95 -31.36 10.62
N GLY C 139 8.72 -32.21 11.31
CA GLY C 139 8.55 -33.68 11.21
C GLY C 139 7.27 -34.17 11.86
N TRP C 140 6.86 -33.50 12.93
CA TRP C 140 5.67 -33.88 13.75
C TRP C 140 4.38 -33.60 12.96
N MET C 141 4.27 -32.41 12.34
CA MET C 141 3.13 -32.05 11.44
C MET C 141 3.17 -32.94 10.18
N ALA C 142 4.37 -33.26 9.66
CA ALA C 142 4.56 -34.23 8.55
C ALA C 142 3.98 -35.60 8.93
N PHE C 143 4.32 -36.09 10.13
CA PHE C 143 3.78 -37.35 10.68
C PHE C 143 2.24 -37.24 10.79
N LYS C 144 1.70 -36.16 11.37
CA LYS C 144 0.23 -36.00 11.57
C LYS C 144 -0.48 -36.13 10.23
N ASP C 145 0.02 -35.42 9.22
CA ASP C 145 -0.48 -35.50 7.83
C ASP C 145 -0.40 -36.95 7.33
N ALA C 146 0.77 -37.58 7.36
CA ALA C 146 0.99 -38.95 6.81
C ALA C 146 0.11 -39.96 7.55
N LEU C 147 -0.06 -39.82 8.87
CA LEU C 147 -0.83 -40.79 9.68
C LEU C 147 -2.30 -40.76 9.24
N ALA C 148 -2.87 -39.56 9.07
CA ALA C 148 -4.28 -39.32 8.65
C ALA C 148 -4.50 -39.82 7.22
N GLN C 149 -3.49 -39.68 6.35
CA GLN C 149 -3.56 -40.25 4.98
C GLN C 149 -3.43 -41.78 5.02
N ALA C 150 -2.55 -42.34 5.86
CA ALA C 150 -2.33 -43.82 5.96
C ALA C 150 -3.58 -44.49 6.59
N SER C 151 -4.22 -43.85 7.57
CA SER C 151 -5.47 -44.33 8.22
C SER C 151 -6.63 -44.32 7.22
N GLU C 152 -6.83 -43.20 6.50
CA GLU C 152 -7.87 -43.08 5.45
C GLU C 152 -7.62 -44.13 4.36
N ALA C 153 -6.37 -44.26 3.90
CA ALA C 153 -5.94 -45.26 2.88
C ALA C 153 -6.43 -46.64 3.31
N PHE C 154 -6.12 -47.03 4.56
CA PHE C 154 -6.56 -48.30 5.19
C PHE C 154 -8.09 -48.35 5.22
N GLU C 155 -8.66 -49.41 4.65
CA GLU C 155 -10.14 -49.67 4.59
C GLU C 155 -10.88 -48.38 4.21
N GLU C 156 -11.04 -48.13 2.90
CA GLU C 156 -10.46 -48.93 1.83
C GLU C 156 -10.15 -48.03 0.63
N ARG D 8 -11.48 42.91 5.85
CA ARG D 8 -11.58 41.54 6.44
C ARG D 8 -10.53 40.63 5.82
N LEU D 9 -10.36 39.43 6.37
CA LEU D 9 -9.45 38.37 5.84
C LEU D 9 -9.99 37.81 4.51
N GLU D 10 -10.67 38.68 3.74
CA GLU D 10 -11.21 38.46 2.39
C GLU D 10 -11.42 39.84 1.76
N GLN D 11 -10.40 40.51 1.17
CA GLN D 11 -9.01 40.13 0.93
C GLN D 11 -8.90 39.19 -0.29
N ILE D 12 -9.25 37.91 -0.16
CA ILE D 12 -9.33 37.00 -1.34
C ILE D 12 -10.49 37.47 -2.21
N TYR D 13 -11.66 37.74 -1.60
CA TYR D 13 -12.92 38.10 -2.31
C TYR D 13 -12.99 39.63 -2.53
N GLN D 14 -12.09 40.18 -3.35
CA GLN D 14 -11.97 41.65 -3.60
C GLN D 14 -13.16 42.13 -4.43
N ASP D 15 -13.45 43.43 -4.34
CA ASP D 15 -14.69 44.02 -4.91
C ASP D 15 -14.71 43.73 -6.41
N VAL D 16 -13.58 43.93 -7.09
CA VAL D 16 -13.40 43.63 -8.56
C VAL D 16 -13.89 42.21 -8.84
N ILE D 17 -13.55 41.25 -7.97
CA ILE D 17 -13.94 39.81 -8.11
C ILE D 17 -15.46 39.67 -7.97
N LEU D 18 -16.06 40.16 -6.87
CA LEU D 18 -17.53 40.13 -6.66
C LEU D 18 -18.24 40.85 -7.81
N ASP D 19 -17.67 41.98 -8.27
CA ASP D 19 -18.26 42.84 -9.33
C ASP D 19 -18.40 42.04 -10.64
N HIS D 20 -17.33 41.36 -11.09
CA HIS D 20 -17.31 40.54 -12.33
C HIS D 20 -18.20 39.31 -12.19
N TYR D 21 -18.31 38.76 -10.98
CA TYR D 21 -19.16 37.58 -10.69
C TYR D 21 -20.64 37.94 -10.86
N LYS D 22 -21.07 39.06 -10.27
CA LYS D 22 -22.44 39.62 -10.40
C LYS D 22 -22.66 40.15 -11.83
N HIS D 23 -21.68 40.91 -12.37
CA HIS D 23 -21.80 41.58 -13.70
C HIS D 23 -20.75 41.03 -14.67
N PRO D 24 -20.86 39.77 -15.10
CA PRO D 24 -19.83 39.13 -15.94
C PRO D 24 -19.80 39.59 -17.41
N GLN D 25 -18.60 39.86 -17.91
CA GLN D 25 -18.35 40.47 -19.24
C GLN D 25 -18.16 39.36 -20.28
N HIS D 26 -18.75 39.55 -21.47
CA HIS D 26 -18.57 38.73 -22.69
C HIS D 26 -19.10 37.30 -22.48
N ARG D 27 -20.01 37.07 -21.52
CA ARG D 27 -20.56 35.70 -21.28
C ARG D 27 -21.47 35.36 -22.45
N GLY D 28 -21.55 34.07 -22.78
CA GLY D 28 -22.38 33.55 -23.87
C GLY D 28 -21.53 33.28 -25.09
N LEU D 29 -21.58 32.05 -25.59
CA LEU D 29 -20.80 31.64 -26.79
C LEU D 29 -21.33 32.43 -27.98
N ARG D 30 -20.40 32.97 -28.77
CA ARG D 30 -20.70 33.82 -29.94
C ARG D 30 -20.02 33.21 -31.16
N GLU D 31 -20.49 33.60 -32.34
CA GLU D 31 -19.82 33.29 -33.64
C GLU D 31 -19.48 34.63 -34.31
N PRO D 32 -18.45 34.69 -35.17
CA PRO D 32 -17.56 33.56 -35.41
C PRO D 32 -16.58 33.28 -34.27
N PHE D 33 -15.93 32.13 -34.38
CA PHE D 33 -14.84 31.64 -33.52
C PHE D 33 -13.93 30.82 -34.43
N GLY D 34 -12.66 30.64 -34.03
CA GLY D 34 -11.64 29.85 -34.73
C GLY D 34 -11.20 28.63 -33.94
N ALA D 35 -11.43 28.60 -32.63
CA ALA D 35 -11.31 27.35 -31.86
C ALA D 35 -12.25 27.42 -30.64
N GLN D 36 -12.59 26.25 -30.12
CA GLN D 36 -13.50 26.05 -28.95
C GLN D 36 -12.89 24.96 -28.08
N VAL D 37 -12.90 25.18 -26.76
CA VAL D 37 -12.26 24.25 -25.80
C VAL D 37 -13.20 24.06 -24.61
N TYR D 38 -13.05 22.94 -23.92
CA TYR D 38 -13.85 22.55 -22.73
C TYR D 38 -12.87 22.17 -21.62
N HIS D 39 -12.88 22.94 -20.53
CA HIS D 39 -11.94 22.84 -19.40
C HIS D 39 -12.74 22.70 -18.10
N VAL D 40 -12.21 21.91 -17.16
CA VAL D 40 -12.84 21.56 -15.86
C VAL D 40 -11.81 21.77 -14.74
N ASN D 41 -12.23 22.33 -13.60
CA ASN D 41 -11.33 22.56 -12.43
C ASN D 41 -10.94 21.20 -11.86
N PRO D 42 -9.63 20.91 -11.61
CA PRO D 42 -9.25 19.73 -10.82
C PRO D 42 -9.98 19.68 -9.46
N ILE D 43 -10.23 20.84 -8.85
CA ILE D 43 -11.15 21.03 -7.69
C ILE D 43 -12.59 20.93 -8.19
S2 TSY D 44 -14.94 16.53 -3.77
S1 TSY D 44 -13.20 16.65 -4.99
SG TSY D 44 -13.22 17.37 -7.00
CB TSY D 44 -14.73 18.18 -7.70
CA TSY D 44 -14.57 19.32 -8.74
N TSY D 44 -13.26 19.93 -8.59
C TSY D 44 -15.67 20.45 -8.67
O TSY D 44 -15.98 20.95 -7.51
N GLY D 45 -16.25 21.01 -9.70
CA GLY D 45 -17.34 22.02 -9.45
C GLY D 45 -17.33 23.23 -10.39
N ASP D 46 -16.24 23.49 -11.12
CA ASP D 46 -16.15 24.60 -12.12
C ASP D 46 -15.85 24.06 -13.51
N GLU D 47 -16.52 24.58 -14.54
CA GLU D 47 -16.22 24.22 -15.95
C GLU D 47 -16.42 25.45 -16.85
N VAL D 48 -15.83 25.43 -18.04
CA VAL D 48 -15.98 26.51 -19.04
C VAL D 48 -15.90 25.91 -20.43
N THR D 49 -16.76 26.35 -21.33
CA THR D 49 -16.57 26.23 -22.79
C THR D 49 -16.20 27.62 -23.29
N LEU D 50 -15.07 27.76 -23.99
CA LEU D 50 -14.49 29.08 -24.34
C LEU D 50 -14.13 29.08 -25.83
N ARG D 51 -14.53 30.13 -26.52
CA ARG D 51 -14.19 30.37 -27.93
C ARG D 51 -13.21 31.54 -28.06
N VAL D 52 -12.25 31.40 -28.98
CA VAL D 52 -11.37 32.52 -29.46
C VAL D 52 -11.56 32.72 -30.96
N ALA D 53 -11.98 33.94 -31.36
CA ALA D 53 -11.90 34.45 -32.74
C ALA D 53 -10.64 35.32 -32.91
N LEU D 54 -9.97 35.23 -34.07
CA LEU D 54 -8.81 36.08 -34.43
C LEU D 54 -9.21 37.02 -35.57
N SER D 55 -8.45 38.09 -35.75
CA SER D 55 -8.61 39.07 -36.86
C SER D 55 -8.43 38.36 -38.21
N GLU D 56 -8.87 39.04 -39.27
CA GLU D 56 -8.68 38.65 -40.69
C GLU D 56 -7.23 38.21 -40.90
N ASP D 57 -6.22 38.90 -40.31
CA ASP D 57 -4.77 38.63 -40.56
C ASP D 57 -4.15 37.72 -39.47
N GLY D 58 -4.95 37.30 -38.48
CA GLY D 58 -4.52 36.35 -37.44
C GLY D 58 -3.68 36.99 -36.32
N THR D 59 -3.49 38.32 -36.34
CA THR D 59 -2.50 38.99 -35.44
C THR D 59 -3.14 39.46 -34.13
N ARG D 60 -4.47 39.63 -34.09
CA ARG D 60 -5.17 40.22 -32.91
C ARG D 60 -6.33 39.31 -32.50
N VAL D 61 -6.57 39.24 -31.19
CA VAL D 61 -7.76 38.55 -30.63
C VAL D 61 -8.94 39.51 -30.81
N THR D 62 -9.95 39.12 -31.59
CA THR D 62 -11.15 39.94 -31.87
C THR D 62 -12.29 39.54 -30.91
N ASP D 63 -12.33 38.29 -30.42
CA ASP D 63 -13.41 37.87 -29.49
C ASP D 63 -12.95 36.75 -28.57
N VAL D 64 -13.37 36.83 -27.31
CA VAL D 64 -13.39 35.66 -26.37
C VAL D 64 -14.82 35.54 -25.81
N SER D 65 -15.45 34.41 -26.14
CA SER D 65 -16.83 34.04 -25.74
C SER D 65 -16.76 32.74 -24.95
N TYR D 66 -17.67 32.56 -24.00
CA TYR D 66 -17.58 31.39 -23.09
C TYR D 66 -18.90 31.15 -22.36
N ASP D 67 -19.04 29.93 -21.83
CA ASP D 67 -20.19 29.54 -20.99
C ASP D 67 -19.71 28.46 -20.02
N GLY D 68 -20.62 27.93 -19.21
CA GLY D 68 -20.30 27.00 -18.12
C GLY D 68 -20.62 27.61 -16.76
N GLN D 69 -20.41 26.86 -15.70
CA GLN D 69 -20.81 27.24 -14.33
C GLN D 69 -19.58 27.07 -13.44
N GLY D 70 -19.55 27.84 -12.37
CA GLY D 70 -18.44 27.74 -11.42
C GLY D 70 -18.61 28.76 -10.34
N CYS D 71 -17.64 28.79 -9.46
CA CYS D 71 -17.63 29.63 -8.26
C CYS D 71 -17.32 31.09 -8.65
N SER D 72 -17.49 31.99 -7.69
CA SER D 72 -17.24 33.44 -7.87
C SER D 72 -15.84 33.65 -8.51
N ILE D 73 -14.81 32.97 -8.00
CA ILE D 73 -13.39 33.15 -8.45
C ILE D 73 -13.20 32.66 -9.89
N SER D 74 -13.71 31.48 -10.28
CA SER D 74 -13.58 30.98 -11.66
C SER D 74 -14.32 31.89 -12.64
N GLN D 75 -15.49 32.39 -12.28
CA GLN D 75 -16.33 33.14 -13.26
CA GLN D 75 -16.36 33.17 -13.21
C GLN D 75 -15.79 34.59 -13.34
N ALA D 76 -15.39 35.20 -12.22
CA ALA D 76 -14.81 36.55 -12.17
C ALA D 76 -13.48 36.58 -12.94
N ALA D 77 -12.62 35.58 -12.74
CA ALA D 77 -11.31 35.43 -13.44
C ALA D 77 -11.54 35.39 -14.96
N THR D 78 -12.57 34.69 -15.42
CA THR D 78 -12.82 34.49 -16.87
C THR D 78 -13.37 35.79 -17.49
N SER D 79 -14.28 36.48 -16.77
CA SER D 79 -14.80 37.81 -17.15
C SER D 79 -13.63 38.79 -17.33
N VAL D 80 -12.74 38.85 -16.33
CA VAL D 80 -11.57 39.78 -16.30
C VAL D 80 -10.63 39.45 -17.46
N LEU D 81 -10.32 38.16 -17.66
CA LEU D 81 -9.58 37.67 -18.85
C LEU D 81 -10.12 38.36 -20.10
N THR D 82 -11.42 38.22 -20.38
CA THR D 82 -12.01 38.69 -21.67
C THR D 82 -11.77 40.20 -21.79
N GLU D 83 -11.87 40.93 -20.68
CA GLU D 83 -11.67 42.40 -20.65
C GLU D 83 -10.22 42.73 -21.05
N GLN D 84 -9.24 41.91 -20.66
CA GLN D 84 -7.79 42.24 -20.81
C GLN D 84 -7.31 41.89 -22.22
N VAL D 85 -7.93 40.89 -22.85
CA VAL D 85 -7.30 40.15 -23.96
C VAL D 85 -8.00 40.49 -25.29
N ILE D 86 -9.28 40.88 -25.25
CA ILE D 86 -10.03 41.14 -26.51
C ILE D 86 -9.50 42.43 -27.13
N GLY D 87 -9.19 42.39 -28.43
CA GLY D 87 -8.67 43.55 -29.19
C GLY D 87 -7.15 43.66 -29.12
N GLN D 88 -6.49 42.74 -28.41
CA GLN D 88 -5.02 42.73 -28.21
C GLN D 88 -4.32 41.88 -29.26
N ARG D 89 -3.08 42.23 -29.57
CA ARG D 89 -2.16 41.38 -30.36
C ARG D 89 -2.01 40.04 -29.63
N VAL D 90 -1.99 38.95 -30.39
CA VAL D 90 -1.79 37.56 -29.89
C VAL D 90 -0.60 37.52 -28.92
N PRO D 91 0.60 38.01 -29.29
CA PRO D 91 1.75 37.99 -28.37
C PRO D 91 1.49 38.74 -27.05
N ARG D 92 0.78 39.87 -27.13
CA ARG D 92 0.40 40.69 -25.96
C ARG D 92 -0.62 39.91 -25.11
N ALA D 93 -1.53 39.17 -25.73
CA ALA D 93 -2.51 38.29 -25.04
C ALA D 93 -1.76 37.22 -24.26
N LEU D 94 -0.80 36.57 -24.93
CA LEU D 94 0.08 35.52 -24.39
C LEU D 94 0.87 36.06 -23.19
N ASN D 95 1.40 37.28 -23.29
CA ASN D 95 2.22 37.91 -22.23
C ASN D 95 1.38 38.13 -20.97
N ILE D 96 0.14 38.58 -21.16
CA ILE D 96 -0.83 38.91 -20.07
C ILE D 96 -1.17 37.60 -19.34
N VAL D 97 -1.44 36.54 -20.09
CA VAL D 97 -1.73 35.21 -19.51
C VAL D 97 -0.54 34.77 -18.63
N ASP D 98 0.69 34.89 -19.14
CA ASP D 98 1.92 34.54 -18.37
C ASP D 98 2.01 35.40 -17.12
N ALA D 99 1.72 36.70 -17.24
CA ALA D 99 1.75 37.63 -16.09
C ALA D 99 0.73 37.17 -15.04
N PHE D 100 -0.49 36.91 -15.47
CA PHE D 100 -1.56 36.44 -14.56
C PHE D 100 -1.14 35.14 -13.87
N THR D 101 -0.68 34.15 -14.64
CA THR D 101 -0.30 32.80 -14.11
C THR D 101 0.81 32.96 -13.05
N GLU D 102 1.80 33.81 -13.33
CA GLU D 102 2.96 34.07 -12.43
C GLU D 102 2.46 34.67 -11.12
N MET D 103 1.57 35.66 -11.18
CA MET D 103 0.98 36.33 -9.99
C MET D 103 0.22 35.30 -9.14
N VAL D 104 -0.82 34.66 -9.70
CA VAL D 104 -1.75 33.77 -8.90
C VAL D 104 -0.96 32.55 -8.40
N SER D 105 0.10 32.13 -9.09
CA SER D 105 0.86 30.88 -8.78
C SER D 105 1.97 31.13 -7.75
N SER D 106 2.20 32.38 -7.34
CA SER D 106 3.40 32.82 -6.59
C SER D 106 3.24 32.66 -5.08
N ARG D 107 2.11 32.13 -4.60
CA ARG D 107 1.74 32.32 -3.17
C ARG D 107 1.86 33.85 -2.97
N GLY D 108 1.90 34.38 -1.76
CA GLY D 108 1.73 35.85 -1.60
C GLY D 108 2.79 36.72 -2.28
N THR D 109 3.65 36.15 -3.15
CA THR D 109 5.03 36.64 -3.39
C THR D 109 5.06 37.67 -4.55
N VAL D 110 4.22 37.49 -5.57
CA VAL D 110 4.16 38.41 -6.76
C VAL D 110 2.86 39.19 -6.72
N PRO D 111 2.92 40.52 -6.53
CA PRO D 111 1.69 41.34 -6.48
C PRO D 111 0.96 41.48 -7.82
N GLY D 112 1.67 41.33 -8.94
CA GLY D 112 1.19 41.62 -10.30
C GLY D 112 1.29 43.11 -10.63
N ASP D 113 1.41 43.42 -11.92
CA ASP D 113 1.57 44.79 -12.48
C ASP D 113 0.25 45.19 -13.13
N GLU D 114 -0.46 46.15 -12.56
CA GLU D 114 -1.80 46.60 -13.01
C GLU D 114 -1.75 47.20 -14.42
N ASP D 115 -0.60 47.74 -14.86
CA ASP D 115 -0.40 48.22 -16.25
C ASP D 115 -0.57 47.04 -17.21
N VAL D 116 -0.11 45.84 -16.82
CA VAL D 116 -0.13 44.62 -17.67
C VAL D 116 -1.45 43.85 -17.46
N LEU D 117 -1.96 43.76 -16.23
CA LEU D 117 -3.09 42.86 -15.86
C LEU D 117 -4.42 43.62 -15.75
N GLY D 118 -4.41 44.95 -15.61
CA GLY D 118 -5.64 45.71 -15.29
C GLY D 118 -6.27 45.12 -14.05
N ASP D 119 -7.59 44.84 -14.08
CA ASP D 119 -8.36 44.26 -12.94
C ASP D 119 -7.77 42.90 -12.54
N GLY D 120 -7.08 42.22 -13.46
CA GLY D 120 -6.30 40.99 -13.20
C GLY D 120 -5.63 40.99 -11.83
N VAL D 121 -5.07 42.11 -11.40
CA VAL D 121 -4.26 42.18 -10.14
C VAL D 121 -5.16 41.90 -8.91
N ALA D 122 -6.48 42.10 -9.02
CA ALA D 122 -7.47 41.84 -7.95
C ALA D 122 -7.38 40.39 -7.46
N PHE D 123 -6.79 39.48 -8.25
CA PHE D 123 -6.70 38.02 -7.96
C PHE D 123 -5.41 37.69 -7.23
N ALA D 124 -4.61 38.71 -6.91
CA ALA D 124 -3.37 38.60 -6.11
C ALA D 124 -3.65 37.86 -4.79
N GLY D 125 -4.77 38.18 -4.12
CA GLY D 125 -5.18 37.60 -2.81
C GLY D 125 -5.38 36.09 -2.86
N VAL D 126 -5.70 35.58 -4.06
CA VAL D 126 -6.02 34.14 -4.28
C VAL D 126 -4.73 33.33 -4.14
N ALA D 127 -3.56 33.91 -4.42
CA ALA D 127 -2.26 33.20 -4.50
C ALA D 127 -1.99 32.47 -3.18
N LYS D 128 -2.34 33.13 -2.07
CA LYS D 128 -2.24 32.66 -0.66
C LYS D 128 -3.10 31.40 -0.44
N TYR D 129 -4.09 31.12 -1.29
CA TYR D 129 -5.04 29.96 -1.14
C TYR D 129 -4.84 29.04 -2.33
N PRO D 130 -3.83 28.15 -2.32
CA PRO D 130 -3.50 27.35 -3.51
C PRO D 130 -4.62 26.49 -4.09
N ALA D 131 -5.56 26.00 -3.29
CA ALA D 131 -6.72 25.24 -3.85
C ALA D 131 -7.51 26.15 -4.80
N ARG D 132 -7.65 27.44 -4.47
CA ARG D 132 -8.53 28.36 -5.25
C ARG D 132 -7.79 28.94 -6.47
N VAL D 133 -6.45 28.87 -6.49
CA VAL D 133 -5.60 29.26 -7.66
C VAL D 133 -6.10 28.53 -8.91
N LYS D 134 -6.54 27.27 -8.73
CA LYS D 134 -7.04 26.43 -9.85
C LYS D 134 -8.37 27.01 -10.34
N CYS D 135 -9.19 27.56 -9.43
CA CYS D 135 -10.44 28.27 -9.80
C CYS D 135 -10.10 29.46 -10.72
N ALA D 136 -9.14 30.27 -10.27
CA ALA D 136 -8.71 31.52 -10.95
C ALA D 136 -8.14 31.16 -12.33
N LEU D 137 -7.38 30.05 -12.44
CA LEU D 137 -6.65 29.69 -13.70
C LEU D 137 -7.58 29.06 -14.74
N LEU D 138 -8.72 28.49 -14.33
CA LEU D 138 -9.56 27.71 -15.28
C LEU D 138 -9.73 28.46 -16.62
N GLY D 139 -10.38 29.64 -16.60
CA GLY D 139 -10.67 30.40 -17.83
C GLY D 139 -9.40 30.85 -18.55
N TRP D 140 -8.36 31.20 -17.79
CA TRP D 140 -7.06 31.68 -18.35
C TRP D 140 -6.34 30.59 -19.14
N MET D 141 -6.24 29.38 -18.57
CA MET D 141 -5.62 28.21 -19.26
C MET D 141 -6.54 27.73 -20.38
N ALA D 142 -7.86 27.90 -20.23
CA ALA D 142 -8.82 27.61 -21.32
C ALA D 142 -8.56 28.57 -22.50
N PHE D 143 -8.39 29.87 -22.22
CA PHE D 143 -8.07 30.87 -23.28
C PHE D 143 -6.74 30.52 -23.93
N LYS D 144 -5.73 30.15 -23.13
CA LYS D 144 -4.36 29.82 -23.64
C LYS D 144 -4.49 28.68 -24.64
N ASP D 145 -5.24 27.63 -24.27
CA ASP D 145 -5.51 26.46 -25.13
C ASP D 145 -6.17 26.92 -26.44
N ALA D 146 -7.31 27.61 -26.34
CA ALA D 146 -8.17 28.04 -27.45
C ALA D 146 -7.38 29.01 -28.36
N LEU D 147 -6.51 29.84 -27.79
CA LEU D 147 -5.69 30.79 -28.59
C LEU D 147 -4.68 29.98 -29.44
N ALA D 148 -3.98 29.05 -28.81
CA ALA D 148 -2.99 28.17 -29.48
C ALA D 148 -3.70 27.43 -30.61
N GLN D 149 -4.92 26.94 -30.36
CA GLN D 149 -5.70 26.19 -31.38
C GLN D 149 -6.15 27.12 -32.51
N ALA D 150 -6.52 28.36 -32.21
CA ALA D 150 -7.11 29.30 -33.18
C ALA D 150 -6.01 29.79 -34.14
N SER D 151 -4.80 29.91 -33.60
CA SER D 151 -3.54 30.30 -34.31
C SER D 151 -3.05 29.13 -35.17
N GLU D 152 -3.24 27.89 -34.70
CA GLU D 152 -2.99 26.67 -35.52
C GLU D 152 -3.97 26.68 -36.70
N ALA D 153 -5.27 26.81 -36.40
CA ALA D 153 -6.37 26.94 -37.38
C ALA D 153 -5.95 27.96 -38.44
N PHE D 154 -5.60 29.19 -38.02
CA PHE D 154 -5.24 30.30 -38.94
C PHE D 154 -4.23 29.77 -39.97
N GLU D 155 -3.02 29.39 -39.53
CA GLU D 155 -2.09 28.49 -40.27
C GLU D 155 -0.71 28.49 -39.59
N NO3 E . 35.44 -14.13 -6.53
O1 NO3 E . 35.13 -14.79 -5.57
O2 NO3 E . 35.55 -14.79 -7.73
O3 NO3 E . 35.60 -12.76 -6.47
N NO3 F . 15.24 -8.93 1.35
O1 NO3 F . 14.14 -8.68 0.90
O2 NO3 F . 16.37 -8.71 0.60
O3 NO3 F . 15.42 -9.44 2.63
N NO3 G . 23.64 12.97 11.45
O1 NO3 G . 23.43 12.35 10.40
O2 NO3 G . 22.58 13.58 12.15
O3 NO3 G . 24.95 13.05 11.97
N1 PLP H . 13.93 -6.57 -4.81
C2 PLP H . 15.02 -6.45 -4.04
C2A PLP H . 16.40 -6.62 -4.63
C3 PLP H . 14.88 -6.23 -2.60
O3 PLP H . 15.95 -6.17 -1.76
C4 PLP H . 13.50 -6.09 -2.06
C4A PLP H . 13.26 -5.69 -0.68
C5 PLP H . 12.40 -6.20 -2.99
C6 PLP H . 12.70 -6.46 -4.33
C5A PLP H . 10.99 -6.12 -2.46
O4P PLP H . 10.71 -4.90 -1.83
P PLP H . 9.44 -4.73 -0.83
O1P PLP H . 9.55 -3.45 -0.25
O2P PLP H . 8.23 -4.99 -1.65
O3P PLP H . 9.47 -5.94 0.06
N1 PLP I . -15.53 4.03 -0.57
C2 PLP I . -16.10 4.85 0.31
C2A PLP I . -17.58 4.78 0.60
C3 PLP I . -15.26 5.83 0.96
O3 PLP I . -15.76 6.68 1.84
C4 PLP I . -13.85 5.80 0.69
C4A PLP I . -12.97 6.68 1.44
C5 PLP I . -13.34 4.89 -0.34
C6 PLP I . -14.26 4.02 -0.90
C5A PLP I . -11.88 4.84 -0.69
O4P PLP I . -11.02 4.52 0.41
P PLP I . -9.47 4.91 0.25
O1P PLP I . -9.45 6.30 -0.47
O2P PLP I . -8.89 4.03 -0.78
O3P PLP I . -8.95 4.70 1.61
S1 MPO J . -20.82 20.20 23.44
O1 MPO J . -19.88 20.73 24.38
O2 MPO J . -20.79 20.82 22.13
O4 MPO J . -23.65 26.99 24.62
N1 MPO J . -22.80 24.27 24.32
C1 MPO J . -22.44 20.45 24.16
O3 MPO J . -20.84 18.66 23.44
C2 MPO J . -23.04 21.83 23.90
C3 MPO J . -22.51 22.92 24.81
C4 MPO J . -24.21 24.63 24.42
C5 MPO J . -24.47 26.04 23.94
C6 MPO J . -22.29 26.65 24.47
C7 MPO J . -22.01 25.28 25.05
N NO3 K . -14.35 10.44 0.76
O1 NO3 K . -13.64 9.59 0.18
O2 NO3 K . -15.60 10.15 1.29
O3 NO3 K . -13.93 11.74 0.94
N NO3 L . -6.32 -14.13 -16.55
O1 NO3 L . -6.62 -15.28 -16.19
O2 NO3 L . -6.05 -13.85 -17.84
O3 NO3 L . -6.20 -13.06 -15.66
ZN ZN M . 15.33 -25.05 10.91
N NO3 N . 2.94 42.58 -29.41
O1 NO3 N . 2.53 42.37 -30.54
O2 NO3 N . 4.09 41.91 -28.99
O3 NO3 N . 2.30 43.43 -28.53
ZN ZN O . -13.98 27.10 -7.97
#